data_6OL5
#
_entry.id   6OL5
#
_cell.length_a   75.551
_cell.length_b   75.551
_cell.length_c   389.714
_cell.angle_alpha   90.00
_cell.angle_beta   90.00
_cell.angle_gamma   90.00
#
_symmetry.space_group_name_H-M   'P 43 2 2'
#
loop_
_entity.id
_entity.type
_entity.pdbx_description
1 polymer 'ib3 Heavy Chain'
2 polymer 'ib3 Light Chain'
3 polymer 'iglb12 Heavy Chain'
4 polymer 'iglb12 Light Chain'
5 non-polymer 'AMMONIUM ION'
6 non-polymer (4S)-2-METHYL-2,4-PENTANEDIOL
7 non-polymer 'PHOSPHATE ION'
8 non-polymer 'CHLORIDE ION'
9 water water
#
loop_
_entity_poly.entity_id
_entity_poly.type
_entity_poly.pdbx_seq_one_letter_code
_entity_poly.pdbx_strand_id
1 'polypeptide(L)'
;(PCA)VQLQQSGPELVKPGASVKMSCKASGYTFTDYYMHWVKQSHGKSLEWIGYFYPNNGGDGYNQKFKGKATLTIDKSS
STAYMELRSLTSEDSAVYYCARGGDWYFDVWGAGTTVTVSSAKTTPPSVYPLAPGSAAQTNSMVTLGCLVKGYFPEPVTV
TWNSGSLSSGVHTFPAVLESDLYTLSSSVTVPSSPRPSETVTCNVAHPASSTKVDKKIVPRDCGCK
;
A
2 'polypeptide(L)'
;ETTVTQSPASLSMAIGEKVTIRCITSTDIDDDMNWYQQKPGEPPKLLISEGNTLRPGVPSRFSSSGFDTDFVFTIENMLS
EDAADYYCLQSDNSPFTFGGGTKLQIKRADAAPTVSIFPPSSEQLTSGGASVVCFLNNFYPKDINVKWKIDGSERQNGVL
NSWTDQDSKDSTYSMSSTLTLTKDEYERHNSYTCEATHKTSTSPIVKSFNRNEC
;
B
3 'polypeptide(L)'
;QVQLVQSGAEVKKPGASVKVSCKASGYTFTSYAMHWVRQAPGQRLEWMGWINAGNGNTKYSQKFQGRVTITRDTSASTAY
MELSSLRSEDTAVYYCARVGPYCGGDSPQDNYYMDVWGKGTTVTVSSASTKGPSVFPLAPSSKSTSGGTAALGCLVKDYF
PEPVTVSWNSGALTSGVHTFPAVLQSSGLYSLSSVVTVPSSSLGTQTYICNVNHKPSNTKVDKKVEPKSC
;
H
4 'polypeptide(L)'
;EIVLTQSPGTLSLSPGERATLSCRASQSVSSSYLAWYQQKPGQAPRLLIYGASSRATGIPDRFSGSGSGTDFTLTISRLE
PEDFAVYYCQQYGSSSYTFGQGTKLEIKRTVAAPSVFIFPPSDEQLKSGTASVVCLLNNFYPREAKVQWKVDNALQSGNS
QESVTEQDSKDSTYSLSSTLTLSKADYEKHKVYACEVTHQGLSSPVTKSFNRGEC
;
L
#
# COMPACT_ATOMS: atom_id res chain seq x y z
N VAL A 2 -22.75 2.21 9.73
CA VAL A 2 -22.06 3.42 9.35
C VAL A 2 -22.72 4.01 8.12
N GLN A 3 -22.97 5.32 8.14
CA GLN A 3 -23.60 5.96 6.99
C GLN A 3 -23.32 7.45 7.05
N LEU A 4 -22.99 8.02 5.89
CA LEU A 4 -22.68 9.44 5.75
C LEU A 4 -23.82 10.13 5.02
N GLN A 5 -24.26 11.27 5.54
CA GLN A 5 -25.43 11.98 5.05
C GLN A 5 -24.98 13.34 4.55
N GLN A 6 -25.01 13.52 3.22
CA GLN A 6 -24.58 14.76 2.59
C GLN A 6 -25.75 15.68 2.35
N SER A 7 -25.43 16.95 2.08
CA SER A 7 -26.43 17.95 1.80
C SER A 7 -26.99 17.77 0.39
N GLY A 8 -28.12 18.46 0.12
CA GLY A 8 -28.80 18.32 -1.14
C GLY A 8 -28.10 19.06 -2.26
N PRO A 9 -28.72 19.02 -3.44
CA PRO A 9 -28.12 19.67 -4.61
C PRO A 9 -28.09 21.18 -4.49
N GLU A 10 -27.18 21.80 -5.24
CA GLU A 10 -26.94 23.23 -5.15
C GLU A 10 -26.81 23.81 -6.54
N LEU A 11 -27.39 25.00 -6.72
CA LEU A 11 -27.24 25.79 -7.95
C LEU A 11 -26.46 27.05 -7.60
N VAL A 12 -25.28 27.19 -8.19
CA VAL A 12 -24.36 28.27 -7.85
C VAL A 12 -24.20 29.18 -9.06
N LYS A 13 -24.31 30.48 -8.84
CA LYS A 13 -24.03 31.43 -9.91
C LYS A 13 -22.53 31.45 -10.20
N PRO A 14 -22.15 31.68 -11.46
CA PRO A 14 -20.72 31.71 -11.79
C PRO A 14 -20.00 32.77 -10.97
N GLY A 15 -18.87 32.36 -10.39
CA GLY A 15 -18.08 33.24 -9.54
C GLY A 15 -18.46 33.22 -8.08
N ALA A 16 -19.60 32.64 -7.74
CA ALA A 16 -20.03 32.54 -6.35
C ALA A 16 -19.38 31.34 -5.66
N SER A 17 -19.89 30.97 -4.49
CA SER A 17 -19.32 29.90 -3.70
C SER A 17 -20.43 29.08 -3.07
N VAL A 18 -20.09 27.86 -2.69
CA VAL A 18 -21.03 26.95 -2.04
C VAL A 18 -20.29 26.23 -0.92
N LYS A 19 -21.07 25.73 0.04
CA LYS A 19 -20.52 25.03 1.20
C LYS A 19 -21.45 23.88 1.54
N MET A 20 -21.02 22.66 1.24
CA MET A 20 -21.79 21.45 1.49
C MET A 20 -21.33 20.78 2.78
N SER A 21 -22.15 19.87 3.29
CA SER A 21 -21.90 19.21 4.56
C SER A 21 -21.99 17.69 4.40
N CYS A 22 -21.54 16.99 5.43
CA CYS A 22 -21.45 15.52 5.41
C CYS A 22 -21.50 15.05 6.86
N LYS A 23 -22.70 14.75 7.34
CA LYS A 23 -22.91 14.39 8.74
C LYS A 23 -22.70 12.90 8.94
N ALA A 24 -21.84 12.56 9.89
CA ALA A 24 -21.44 11.18 10.14
C ALA A 24 -22.26 10.60 11.29
N SER A 25 -22.56 9.31 11.19
CA SER A 25 -23.28 8.60 12.25
C SER A 25 -22.92 7.12 12.17
N GLY A 26 -22.98 6.45 13.32
CA GLY A 26 -22.63 5.05 13.39
C GLY A 26 -21.19 4.76 13.73
N TYR A 27 -20.42 5.78 14.10
CA TYR A 27 -19.01 5.61 14.46
C TYR A 27 -18.51 6.94 15.01
N THR A 28 -17.34 6.89 15.64
CA THR A 28 -16.74 8.08 16.24
C THR A 28 -16.18 8.97 15.15
N PHE A 29 -16.87 10.07 14.85
CA PHE A 29 -16.48 10.93 13.76
C PHE A 29 -15.04 11.44 13.91
N THR A 30 -14.63 11.74 15.14
CA THR A 30 -13.34 12.38 15.36
C THR A 30 -12.16 11.43 15.22
N ASP A 31 -12.41 10.13 15.07
CA ASP A 31 -11.34 9.13 15.10
C ASP A 31 -10.96 8.63 13.72
N TYR A 32 -11.50 9.21 12.65
CA TYR A 32 -11.25 8.74 11.30
C TYR A 32 -11.04 9.91 10.36
N TYR A 33 -10.25 9.67 9.31
CA TYR A 33 -10.09 10.65 8.25
C TYR A 33 -11.41 10.85 7.51
N MET A 34 -11.54 12.02 6.90
CA MET A 34 -12.67 12.32 6.03
C MET A 34 -12.11 12.85 4.72
N HIS A 35 -12.36 12.12 3.64
CA HIS A 35 -11.89 12.48 2.31
C HIS A 35 -13.04 12.98 1.45
N TRP A 36 -12.71 13.91 0.55
CA TRP A 36 -13.67 14.49 -0.37
C TRP A 36 -13.22 14.19 -1.80
N VAL A 37 -14.15 13.73 -2.62
CA VAL A 37 -13.86 13.29 -3.98
C VAL A 37 -14.80 14.01 -4.94
N LYS A 38 -14.32 14.25 -6.15
CA LYS A 38 -15.10 14.87 -7.21
C LYS A 38 -15.25 13.90 -8.38
N GLN A 39 -16.46 13.85 -8.94
CA GLN A 39 -16.73 13.01 -10.11
C GLN A 39 -17.57 13.84 -11.09
N SER A 40 -16.94 14.31 -12.15
CA SER A 40 -17.67 14.97 -13.21
C SER A 40 -18.47 13.96 -14.02
N HIS A 41 -19.53 14.45 -14.67
CA HIS A 41 -20.47 13.58 -15.34
C HIS A 41 -19.78 12.72 -16.39
N GLY A 42 -20.01 11.41 -16.31
CA GLY A 42 -19.43 10.47 -17.27
C GLY A 42 -17.91 10.49 -17.29
N LYS A 43 -17.28 10.68 -16.15
CA LYS A 43 -15.83 10.77 -16.08
C LYS A 43 -15.34 10.09 -14.81
N SER A 44 -14.02 9.99 -14.69
CA SER A 44 -13.41 9.30 -13.57
C SER A 44 -13.46 10.17 -12.33
N LEU A 45 -12.85 9.66 -11.26
CA LEU A 45 -12.87 10.29 -9.95
C LEU A 45 -11.57 11.05 -9.70
N GLU A 46 -11.60 11.94 -8.72
CA GLU A 46 -10.47 12.82 -8.45
C GLU A 46 -10.49 13.22 -6.98
N TRP A 47 -9.36 12.99 -6.29
CA TRP A 47 -9.26 13.24 -4.86
C TRP A 47 -9.03 14.72 -4.59
N ILE A 48 -9.89 15.32 -3.77
CA ILE A 48 -9.83 16.76 -3.47
C ILE A 48 -8.92 16.98 -2.28
N GLY A 49 -9.22 16.34 -1.17
CA GLY A 49 -8.44 16.51 0.04
C GLY A 49 -8.99 15.66 1.15
N TYR A 50 -8.43 15.83 2.34
CA TYR A 50 -8.84 15.10 3.52
C TYR A 50 -8.85 16.05 4.70
N PHE A 51 -9.52 15.62 5.78
CA PHE A 51 -9.46 16.33 7.05
C PHE A 51 -9.48 15.31 8.17
N TYR A 52 -8.50 15.39 9.07
CA TYR A 52 -8.38 14.44 10.17
C TYR A 52 -8.70 15.14 11.48
N PRO A 53 -9.83 14.85 12.13
CA PRO A 53 -10.14 15.56 13.39
C PRO A 53 -9.20 15.22 14.53
N ASN A 54 -8.61 14.03 14.53
CA ASN A 54 -7.75 13.62 15.63
C ASN A 54 -6.59 14.60 15.81
N ASN A 55 -5.93 14.96 14.72
CA ASN A 55 -4.85 15.95 14.75
C ASN A 55 -5.33 17.33 14.32
N GLY A 56 -6.61 17.49 14.00
CA GLY A 56 -7.12 18.78 13.55
C GLY A 56 -6.42 19.33 12.34
N GLY A 57 -5.90 18.46 11.46
CA GLY A 57 -5.17 18.89 10.29
C GLY A 57 -5.88 18.46 9.01
N ASP A 58 -5.34 18.92 7.88
CA ASP A 58 -5.91 18.62 6.57
C ASP A 58 -4.81 18.68 5.52
N GLY A 59 -5.22 18.49 4.28
CA GLY A 59 -4.30 18.48 3.15
C GLY A 59 -5.06 18.35 1.85
N TYR A 60 -4.63 19.08 0.83
CA TYR A 60 -5.38 19.18 -0.41
C TYR A 60 -4.54 18.69 -1.58
N ASN A 61 -5.25 18.29 -2.64
CA ASN A 61 -4.63 18.06 -3.94
C ASN A 61 -4.32 19.41 -4.59
N GLN A 62 -3.10 19.54 -5.14
CA GLN A 62 -2.70 20.79 -5.77
C GLN A 62 -3.76 21.28 -6.75
N LYS A 63 -4.45 20.37 -7.43
CA LYS A 63 -5.47 20.78 -8.40
C LYS A 63 -6.54 21.63 -7.72
N PHE A 64 -6.76 21.44 -6.42
CA PHE A 64 -7.84 22.11 -5.72
C PHE A 64 -7.34 23.14 -4.71
N LYS A 65 -6.05 23.41 -4.66
CA LYS A 65 -5.55 24.50 -3.83
C LYS A 65 -6.16 25.80 -4.30
N GLY A 66 -6.80 26.53 -3.38
CA GLY A 66 -7.48 27.77 -3.72
C GLY A 66 -8.91 27.59 -4.18
N LYS A 67 -9.37 26.36 -4.42
CA LYS A 67 -10.75 26.08 -4.74
C LYS A 67 -11.51 25.43 -3.60
N ALA A 68 -10.86 24.57 -2.82
CA ALA A 68 -11.50 23.84 -1.74
C ALA A 68 -10.94 24.27 -0.40
N THR A 69 -11.81 24.26 0.61
CA THR A 69 -11.44 24.57 1.99
C THR A 69 -12.23 23.65 2.90
N LEU A 70 -11.52 22.78 3.61
CA LEU A 70 -12.13 21.75 4.43
C LEU A 70 -12.14 22.15 5.89
N THR A 71 -13.27 21.91 6.55
CA THR A 71 -13.44 22.21 7.97
C THR A 71 -14.28 21.09 8.58
N ILE A 72 -14.50 21.17 9.89
CA ILE A 72 -15.33 20.19 10.59
C ILE A 72 -16.01 20.86 11.77
N ASP A 73 -17.04 20.18 12.29
CA ASP A 73 -17.71 20.57 13.53
C ASP A 73 -17.80 19.31 14.38
N LYS A 74 -16.88 19.16 15.33
CA LYS A 74 -16.82 17.96 16.13
C LYS A 74 -18.08 17.78 16.98
N SER A 75 -18.69 18.89 17.42
CA SER A 75 -19.87 18.78 18.26
C SER A 75 -21.01 18.07 17.54
N SER A 76 -21.12 18.24 16.22
CA SER A 76 -22.19 17.65 15.43
C SER A 76 -21.72 16.52 14.53
N SER A 77 -20.45 16.12 14.61
CA SER A 77 -19.90 15.04 13.79
C SER A 77 -20.19 15.27 12.32
N THR A 78 -19.86 16.48 11.86
CA THR A 78 -20.16 16.91 10.49
C THR A 78 -18.92 17.53 9.87
N ALA A 79 -18.58 17.08 8.66
CA ALA A 79 -17.52 17.67 7.88
C ALA A 79 -18.11 18.57 6.80
N TYR A 80 -17.37 19.64 6.48
CA TYR A 80 -17.79 20.62 5.51
C TYR A 80 -16.71 20.81 4.46
N MET A 81 -17.14 21.07 3.22
CA MET A 81 -16.26 21.50 2.16
C MET A 81 -16.84 22.73 1.50
N GLU A 82 -16.03 23.78 1.38
CA GLU A 82 -16.42 25.00 0.71
C GLU A 82 -15.67 25.08 -0.61
N LEU A 83 -16.41 25.37 -1.68
CA LEU A 83 -15.84 25.59 -3.01
C LEU A 83 -16.08 27.05 -3.38
N ARG A 84 -15.03 27.75 -3.78
CA ARG A 84 -15.06 29.19 -3.96
C ARG A 84 -14.82 29.56 -5.42
N SER A 85 -15.50 30.61 -5.87
CA SER A 85 -15.35 31.17 -7.21
C SER A 85 -15.52 30.09 -8.28
N LEU A 86 -16.75 29.57 -8.35
CA LEU A 86 -17.02 28.41 -9.17
C LEU A 86 -17.20 28.79 -10.63
N THR A 87 -16.79 27.88 -11.50
CA THR A 87 -17.02 27.97 -12.93
C THR A 87 -17.72 26.70 -13.38
N SER A 88 -18.12 26.69 -14.66
CA SER A 88 -18.90 25.57 -15.16
C SER A 88 -18.16 24.24 -14.99
N GLU A 89 -16.84 24.25 -15.01
CA GLU A 89 -16.10 23.01 -14.85
C GLU A 89 -16.17 22.47 -13.43
N ASP A 90 -16.34 23.36 -12.44
CA ASP A 90 -16.47 22.92 -11.06
C ASP A 90 -17.75 22.13 -10.82
N SER A 91 -18.73 22.21 -11.72
CA SER A 91 -19.99 21.52 -11.51
C SER A 91 -19.81 20.01 -11.69
N ALA A 92 -20.22 19.26 -10.67
CA ALA A 92 -20.10 17.81 -10.70
C ALA A 92 -20.76 17.21 -9.47
N VAL A 93 -20.54 15.92 -9.23
CA VAL A 93 -20.95 15.26 -8.00
C VAL A 93 -19.76 15.24 -7.05
N TYR A 94 -20.00 15.62 -5.80
CA TYR A 94 -18.95 15.71 -4.78
C TYR A 94 -19.27 14.74 -3.66
N TYR A 95 -18.38 13.78 -3.44
CA TYR A 95 -18.56 12.76 -2.42
C TYR A 95 -17.68 13.04 -1.21
N CYS A 96 -18.18 12.70 -0.03
CA CYS A 96 -17.37 12.53 1.16
C CYS A 96 -17.25 11.04 1.42
N ALA A 97 -16.08 10.61 1.88
CA ALA A 97 -15.85 9.19 2.13
C ALA A 97 -14.92 9.03 3.31
N ARG A 98 -15.27 8.12 4.22
CA ARG A 98 -14.43 7.83 5.37
C ARG A 98 -13.13 7.18 4.92
N GLY A 99 -12.03 7.56 5.57
CA GLY A 99 -10.72 7.01 5.24
C GLY A 99 -10.37 5.79 6.07
N GLY A 100 -9.57 4.90 5.48
CA GLY A 100 -9.21 3.66 6.15
C GLY A 100 -7.73 3.29 6.23
N ASP A 101 -6.78 4.22 6.28
CA ASP A 101 -7.01 5.66 6.43
C ASP A 101 -7.03 6.42 5.11
N TRP A 102 -6.12 6.06 4.20
CA TRP A 102 -5.91 6.82 2.98
C TRP A 102 -6.62 6.23 1.77
N TYR A 103 -7.28 5.09 1.94
CA TYR A 103 -8.27 4.64 0.98
C TYR A 103 -9.65 4.89 1.57
N PHE A 104 -10.65 4.90 0.70
CA PHE A 104 -12.00 5.32 1.07
C PHE A 104 -12.91 4.10 1.11
N ASP A 105 -13.46 3.80 2.30
CA ASP A 105 -14.28 2.62 2.47
C ASP A 105 -15.78 2.91 2.39
N VAL A 106 -16.26 3.93 3.08
CA VAL A 106 -17.68 4.24 3.16
C VAL A 106 -17.92 5.61 2.53
N TRP A 107 -18.68 5.63 1.44
CA TRP A 107 -18.94 6.85 0.68
C TRP A 107 -20.30 7.41 1.02
N GLY A 108 -20.43 8.73 0.88
CA GLY A 108 -21.71 9.38 0.98
C GLY A 108 -22.51 9.24 -0.30
N ALA A 109 -23.78 9.65 -0.23
CA ALA A 109 -24.63 9.58 -1.41
C ALA A 109 -24.14 10.50 -2.52
N GLY A 110 -23.51 11.60 -2.15
CA GLY A 110 -22.98 12.54 -3.12
C GLY A 110 -23.85 13.78 -3.23
N THR A 111 -23.20 14.94 -3.35
CA THR A 111 -23.89 16.21 -3.54
C THR A 111 -23.68 16.70 -4.97
N THR A 112 -24.78 16.99 -5.65
CA THR A 112 -24.72 17.46 -7.02
C THR A 112 -24.65 18.99 -7.02
N VAL A 113 -23.58 19.53 -7.61
CA VAL A 113 -23.39 20.96 -7.74
C VAL A 113 -23.50 21.33 -9.22
N THR A 114 -24.24 22.38 -9.51
CA THR A 114 -24.41 22.90 -10.85
C THR A 114 -24.03 24.38 -10.85
N VAL A 115 -23.15 24.77 -11.76
CA VAL A 115 -22.71 26.15 -11.87
C VAL A 115 -23.26 26.72 -13.19
N SER A 116 -24.22 27.63 -13.07
CA SER A 116 -24.87 28.18 -14.24
C SER A 116 -25.58 29.47 -13.85
N SER A 117 -25.82 30.32 -14.85
CA SER A 117 -26.58 31.53 -14.64
C SER A 117 -28.09 31.27 -14.70
N ALA A 118 -28.50 30.14 -15.27
CA ALA A 118 -29.92 29.82 -15.38
C ALA A 118 -30.53 29.67 -14.00
N LYS A 119 -31.81 30.02 -13.91
CA LYS A 119 -32.52 29.99 -12.64
C LYS A 119 -33.18 28.63 -12.44
N THR A 120 -33.42 28.30 -11.17
CA THR A 120 -34.05 27.04 -10.82
C THR A 120 -35.47 26.99 -11.36
N THR A 121 -35.84 25.84 -11.92
CA THR A 121 -37.14 25.67 -12.55
C THR A 121 -37.71 24.30 -12.18
N PRO A 122 -38.97 24.22 -11.75
CA PRO A 122 -39.53 22.93 -11.36
C PRO A 122 -40.02 22.16 -12.59
N PRO A 123 -40.21 20.85 -12.45
CA PRO A 123 -40.64 20.05 -13.61
C PRO A 123 -42.15 20.13 -13.83
N SER A 124 -42.53 19.84 -15.07
CA SER A 124 -43.94 19.67 -15.45
C SER A 124 -44.12 18.21 -15.80
N VAL A 125 -44.94 17.51 -15.03
CA VAL A 125 -45.15 16.08 -15.20
C VAL A 125 -46.38 15.85 -16.06
N TYR A 126 -46.22 15.07 -17.12
CA TYR A 126 -47.30 14.78 -18.05
C TYR A 126 -47.50 13.28 -18.14
N PRO A 127 -48.73 12.77 -17.97
CA PRO A 127 -48.92 11.32 -18.03
C PRO A 127 -48.78 10.78 -19.45
N LEU A 128 -48.33 9.52 -19.52
CA LEU A 128 -48.16 8.80 -20.78
C LEU A 128 -48.97 7.52 -20.68
N ALA A 129 -50.21 7.57 -21.17
CA ALA A 129 -51.10 6.43 -21.19
C ALA A 129 -51.36 5.99 -22.62
N PRO A 130 -51.61 4.70 -22.86
CA PRO A 130 -51.91 4.22 -24.21
C PRO A 130 -53.33 4.59 -24.66
N SER A 138 -51.98 -8.45 -22.61
CA SER A 138 -51.27 -9.35 -21.70
C SER A 138 -50.42 -8.59 -20.68
N MET A 139 -49.94 -7.41 -21.06
CA MET A 139 -49.08 -6.62 -20.18
C MET A 139 -48.99 -5.21 -20.73
N VAL A 140 -49.29 -4.23 -19.87
CA VAL A 140 -49.42 -2.83 -20.27
C VAL A 140 -48.18 -2.07 -19.84
N THR A 141 -47.86 -1.01 -20.59
CA THR A 141 -46.74 -0.13 -20.29
C THR A 141 -47.24 1.31 -20.20
N LEU A 142 -46.91 1.99 -19.11
CA LEU A 142 -47.25 3.38 -18.86
C LEU A 142 -45.96 4.17 -18.66
N GLY A 143 -46.10 5.48 -18.47
CA GLY A 143 -44.90 6.29 -18.29
C GLY A 143 -45.25 7.69 -17.82
N CYS A 144 -44.20 8.40 -17.41
CA CYS A 144 -44.29 9.80 -17.02
C CYS A 144 -43.20 10.57 -17.76
N LEU A 145 -43.54 11.76 -18.24
CA LEU A 145 -42.60 12.65 -18.91
C LEU A 145 -42.34 13.83 -17.98
N VAL A 146 -41.11 13.94 -17.50
CA VAL A 146 -40.71 15.01 -16.60
C VAL A 146 -39.98 16.04 -17.46
N LYS A 147 -40.67 17.12 -17.81
CA LYS A 147 -40.19 18.05 -18.82
C LYS A 147 -39.87 19.40 -18.20
N GLY A 148 -38.81 20.03 -18.72
CA GLY A 148 -38.46 21.41 -18.39
C GLY A 148 -38.15 21.70 -16.93
N TYR A 149 -37.10 21.09 -16.38
CA TYR A 149 -36.70 21.35 -15.01
C TYR A 149 -35.22 21.68 -14.98
N PHE A 150 -34.79 22.28 -13.87
CA PHE A 150 -33.39 22.68 -13.73
C PHE A 150 -33.13 23.14 -12.31
N PRO A 151 -32.01 22.73 -11.68
CA PRO A 151 -30.97 21.84 -12.18
C PRO A 151 -31.23 20.37 -11.85
N GLU A 152 -30.30 19.51 -12.26
CA GLU A 152 -30.37 18.13 -11.82
C GLU A 152 -30.19 18.07 -10.31
N PRO A 153 -30.62 16.98 -9.66
CA PRO A 153 -31.31 15.82 -10.22
C PRO A 153 -32.81 15.80 -9.98
N VAL A 154 -33.47 14.75 -10.44
CA VAL A 154 -34.84 14.43 -10.07
C VAL A 154 -34.91 12.93 -9.83
N THR A 155 -35.65 12.52 -8.81
CA THR A 155 -35.90 11.12 -8.53
C THR A 155 -37.35 10.77 -8.85
N VAL A 156 -37.55 9.61 -9.47
CA VAL A 156 -38.88 9.18 -9.88
C VAL A 156 -39.13 7.79 -9.34
N THR A 157 -40.31 7.59 -8.76
CA THR A 157 -40.76 6.30 -8.27
C THR A 157 -42.17 6.04 -8.78
N TRP A 158 -42.63 4.79 -8.58
CA TRP A 158 -43.95 4.37 -9.04
C TRP A 158 -44.69 3.71 -7.88
N ASN A 159 -45.84 4.28 -7.50
CA ASN A 159 -46.62 3.80 -6.36
C ASN A 159 -45.78 3.88 -5.08
N SER A 160 -45.10 5.03 -4.92
CA SER A 160 -44.26 5.27 -3.75
C SER A 160 -43.23 4.14 -3.57
N GLY A 161 -42.81 3.55 -4.69
CA GLY A 161 -41.79 2.54 -4.70
C GLY A 161 -42.30 1.11 -4.86
N SER A 162 -43.58 0.86 -4.59
CA SER A 162 -44.09 -0.51 -4.64
C SER A 162 -43.84 -1.16 -6.00
N LEU A 163 -43.77 -0.37 -7.07
CA LEU A 163 -43.49 -0.89 -8.40
C LEU A 163 -42.03 -0.63 -8.75
N SER A 164 -41.15 -1.38 -8.07
CA SER A 164 -39.72 -1.21 -8.28
C SER A 164 -39.26 -1.92 -9.55
N SER A 165 -39.77 -3.13 -9.79
CA SER A 165 -39.42 -3.89 -10.98
C SER A 165 -40.27 -3.44 -12.16
N GLY A 166 -39.79 -3.74 -13.36
CA GLY A 166 -40.48 -3.32 -14.56
C GLY A 166 -40.41 -1.83 -14.83
N VAL A 167 -39.57 -1.10 -14.10
CA VAL A 167 -39.43 0.34 -14.28
C VAL A 167 -38.17 0.61 -15.11
N HIS A 168 -38.26 1.66 -15.93
CA HIS A 168 -37.11 2.16 -16.69
C HIS A 168 -37.16 3.68 -16.61
N THR A 169 -36.27 4.26 -15.81
CA THR A 169 -36.09 5.70 -15.78
C THR A 169 -34.89 6.04 -16.64
N PHE A 170 -35.06 7.02 -17.53
CA PHE A 170 -34.05 7.30 -18.53
C PHE A 170 -33.26 8.56 -18.18
N PRO A 171 -31.96 8.58 -18.50
CA PRO A 171 -31.18 9.80 -18.28
C PRO A 171 -31.83 11.01 -18.93
N ALA A 172 -31.75 12.14 -18.22
CA ALA A 172 -32.35 13.37 -18.72
C ALA A 172 -31.53 13.94 -19.88
N VAL A 173 -32.21 14.72 -20.71
CA VAL A 173 -31.60 15.42 -21.83
C VAL A 173 -31.67 16.91 -21.54
N LEU A 174 -30.61 17.64 -21.90
CA LEU A 174 -30.52 19.06 -21.64
C LEU A 174 -30.66 19.80 -22.96
N GLU A 175 -31.63 20.72 -23.04
CA GLU A 175 -31.84 21.51 -24.24
C GLU A 175 -31.42 22.96 -24.04
N SER A 176 -32.37 23.86 -23.82
CA SER A 176 -32.06 25.28 -23.61
C SER A 176 -32.12 25.60 -22.12
N ASP A 177 -31.08 25.13 -21.42
CA ASP A 177 -30.96 25.28 -19.97
C ASP A 177 -32.14 24.65 -19.24
N LEU A 178 -32.70 23.58 -19.81
CA LEU A 178 -33.79 22.85 -19.20
C LEU A 178 -33.59 21.35 -19.42
N TYR A 179 -33.77 20.57 -18.36
CA TYR A 179 -33.67 19.12 -18.45
C TYR A 179 -35.04 18.51 -18.72
N THR A 180 -35.03 17.42 -19.48
CA THR A 180 -36.23 16.64 -19.76
C THR A 180 -35.91 15.17 -19.52
N LEU A 181 -36.71 14.53 -18.68
CA LEU A 181 -36.52 13.15 -18.29
C LEU A 181 -37.83 12.40 -18.50
N SER A 182 -37.70 11.08 -18.66
CA SER A 182 -38.84 10.21 -18.88
C SER A 182 -38.66 8.92 -18.11
N SER A 183 -39.76 8.31 -17.72
CA SER A 183 -39.73 7.06 -16.97
C SER A 183 -40.92 6.20 -17.40
N SER A 184 -40.65 4.95 -17.75
CA SER A 184 -41.69 4.00 -18.10
C SER A 184 -41.85 2.97 -16.98
N VAL A 185 -42.98 2.27 -17.01
CA VAL A 185 -43.27 1.18 -16.08
C VAL A 185 -44.19 0.20 -16.77
N THR A 186 -43.87 -1.09 -16.65
CA THR A 186 -44.64 -2.14 -17.29
C THR A 186 -45.27 -3.01 -16.21
N VAL A 187 -46.58 -3.21 -16.31
CA VAL A 187 -47.31 -4.03 -15.35
C VAL A 187 -48.24 -4.97 -16.12
N PRO A 188 -48.70 -6.04 -15.48
CA PRO A 188 -49.70 -6.91 -16.13
C PRO A 188 -50.95 -6.12 -16.47
N SER A 189 -51.78 -6.75 -17.32
CA SER A 189 -52.99 -6.10 -17.81
C SER A 189 -54.10 -6.05 -16.76
N SER A 190 -53.93 -6.71 -15.62
CA SER A 190 -54.96 -6.71 -14.59
C SER A 190 -54.86 -5.45 -13.72
N PRO A 191 -53.71 -5.17 -13.09
CA PRO A 191 -53.67 -4.05 -12.13
C PRO A 191 -54.03 -2.71 -12.72
N ARG A 192 -53.98 -2.53 -14.04
CA ARG A 192 -54.16 -1.22 -14.64
C ARG A 192 -54.90 -1.39 -15.96
N PRO A 193 -56.01 -0.65 -16.19
CA PRO A 193 -56.70 0.40 -15.41
C PRO A 193 -57.33 -0.02 -14.10
N SER A 194 -57.48 -1.33 -13.85
CA SER A 194 -58.27 -1.79 -12.70
C SER A 194 -57.82 -1.13 -11.40
N GLU A 195 -56.51 -0.94 -11.23
CA GLU A 195 -55.96 -0.35 -10.03
C GLU A 195 -55.07 0.83 -10.42
N THR A 196 -54.75 1.65 -9.43
CA THR A 196 -54.06 2.90 -9.69
C THR A 196 -52.57 2.68 -9.91
N VAL A 197 -52.00 3.51 -10.79
CA VAL A 197 -50.56 3.51 -11.06
C VAL A 197 -50.11 4.95 -11.21
N THR A 198 -49.49 5.50 -10.18
CA THR A 198 -49.05 6.89 -10.18
C THR A 198 -47.53 6.96 -10.12
N CYS A 199 -46.98 7.97 -10.79
CA CYS A 199 -45.55 8.25 -10.74
C CYS A 199 -45.31 9.40 -9.78
N ASN A 200 -44.34 9.22 -8.87
CA ASN A 200 -43.98 10.22 -7.87
C ASN A 200 -42.66 10.84 -8.27
N VAL A 201 -42.67 12.14 -8.57
CA VAL A 201 -41.50 12.88 -9.02
C VAL A 201 -41.08 13.84 -7.92
N ALA A 202 -39.78 14.03 -7.77
CA ALA A 202 -39.22 14.88 -6.72
C ALA A 202 -38.08 15.70 -7.30
N HIS A 203 -38.17 17.03 -7.12
CA HIS A 203 -37.12 17.95 -7.55
C HIS A 203 -36.63 18.67 -6.31
N PRO A 204 -35.64 18.12 -5.60
CA PRO A 204 -35.21 18.77 -4.36
C PRO A 204 -34.61 20.15 -4.58
N ALA A 205 -34.08 20.45 -5.77
CA ALA A 205 -33.49 21.76 -6.01
C ALA A 205 -34.52 22.87 -5.87
N SER A 206 -35.76 22.61 -6.30
CA SER A 206 -36.88 23.55 -6.13
C SER A 206 -37.86 23.07 -5.06
N SER A 207 -37.49 22.06 -4.28
CA SER A 207 -38.32 21.57 -3.18
C SER A 207 -39.73 21.28 -3.65
N THR A 208 -39.82 20.49 -4.72
CA THR A 208 -41.08 20.18 -5.38
C THR A 208 -41.33 18.68 -5.36
N LYS A 209 -42.58 18.31 -5.10
CA LYS A 209 -42.99 16.92 -5.04
C LYS A 209 -44.31 16.81 -5.80
N VAL A 210 -44.28 16.16 -6.96
CA VAL A 210 -45.45 16.02 -7.82
C VAL A 210 -45.87 14.56 -7.83
N ASP A 211 -47.18 14.34 -7.85
CA ASP A 211 -47.76 13.00 -7.93
C ASP A 211 -48.76 13.01 -9.08
N LYS A 212 -48.42 12.33 -10.16
CA LYS A 212 -49.29 12.22 -11.33
C LYS A 212 -49.81 10.79 -11.42
N LYS A 213 -51.13 10.64 -11.37
CA LYS A 213 -51.77 9.34 -11.49
C LYS A 213 -52.14 9.11 -12.96
N ILE A 214 -51.66 8.00 -13.51
CA ILE A 214 -51.88 7.67 -14.91
C ILE A 214 -53.26 7.03 -15.05
N VAL A 215 -54.12 7.67 -15.82
CA VAL A 215 -55.43 7.11 -16.15
C VAL A 215 -55.57 7.10 -17.67
N PRO A 216 -56.45 6.26 -18.21
CA PRO A 216 -56.68 6.25 -19.65
C PRO A 216 -57.72 7.28 -20.06
N ARG A 217 -57.86 7.46 -21.37
CA ARG A 217 -58.89 8.35 -21.91
C ARG A 217 -60.00 7.55 -22.60
N GLU B 1 2.83 13.47 -9.01
CA GLU B 1 1.55 12.71 -9.02
C GLU B 1 1.77 11.32 -9.60
N THR B 2 1.15 10.31 -8.98
CA THR B 2 1.25 8.93 -9.46
C THR B 2 0.16 8.70 -10.50
N THR B 3 0.57 8.40 -11.73
CA THR B 3 -0.36 8.16 -12.82
C THR B 3 -0.80 6.70 -12.81
N VAL B 4 -2.11 6.48 -12.74
CA VAL B 4 -2.70 5.15 -12.81
C VAL B 4 -3.36 5.00 -14.17
N THR B 5 -2.97 3.95 -14.90
CA THR B 5 -3.49 3.68 -16.24
C THR B 5 -4.28 2.38 -16.20
N GLN B 6 -5.59 2.48 -16.30
CA GLN B 6 -6.48 1.34 -16.23
C GLN B 6 -6.92 0.93 -17.62
N SER B 7 -6.89 -0.38 -17.88
CA SER B 7 -7.26 -0.90 -19.19
C SER B 7 -7.92 -2.26 -19.00
N PRO B 8 -8.86 -2.63 -19.90
CA PRO B 8 -9.33 -1.83 -21.02
C PRO B 8 -10.36 -0.81 -20.59
N ALA B 9 -10.64 0.19 -21.45
CA ALA B 9 -11.66 1.17 -21.12
C ALA B 9 -13.03 0.52 -21.01
N SER B 10 -13.26 -0.57 -21.74
CA SER B 10 -14.51 -1.31 -21.66
C SER B 10 -14.25 -2.71 -22.19
N LEU B 11 -15.10 -3.65 -21.75
CA LEU B 11 -14.99 -5.02 -22.22
C LEU B 11 -16.32 -5.71 -22.02
N SER B 12 -16.68 -6.56 -22.99
CA SER B 12 -17.91 -7.34 -22.93
C SER B 12 -17.54 -8.80 -22.71
N MET B 13 -18.24 -9.45 -21.77
CA MET B 13 -17.98 -10.84 -21.43
C MET B 13 -19.29 -11.50 -21.07
N ALA B 14 -19.39 -12.79 -21.37
CA ALA B 14 -20.60 -13.55 -21.09
C ALA B 14 -20.79 -13.70 -19.58
N ILE B 15 -21.77 -14.51 -19.17
CA ILE B 15 -22.11 -14.65 -17.77
C ILE B 15 -21.01 -15.41 -17.04
N GLY B 16 -20.92 -16.72 -17.28
CA GLY B 16 -20.03 -17.56 -16.50
C GLY B 16 -18.55 -17.37 -16.75
N GLU B 17 -18.16 -16.45 -17.63
CA GLU B 17 -16.77 -16.30 -18.02
C GLU B 17 -16.00 -15.47 -16.98
N LYS B 18 -14.72 -15.25 -17.26
CA LYS B 18 -13.80 -14.60 -16.34
C LYS B 18 -13.43 -13.21 -16.85
N VAL B 19 -13.52 -12.22 -15.96
CA VAL B 19 -13.14 -10.85 -16.28
C VAL B 19 -11.76 -10.60 -15.71
N THR B 20 -11.00 -9.72 -16.37
CA THR B 20 -9.66 -9.39 -15.90
C THR B 20 -9.34 -7.95 -16.31
N ILE B 21 -9.21 -7.08 -15.32
CA ILE B 21 -8.85 -5.68 -15.52
C ILE B 21 -7.46 -5.47 -14.92
N ARG B 22 -6.72 -4.49 -15.45
CA ARG B 22 -5.40 -4.20 -14.94
C ARG B 22 -5.19 -2.70 -14.83
N CYS B 23 -4.34 -2.31 -13.87
CA CYS B 23 -3.95 -0.92 -13.66
C CYS B 23 -2.43 -0.87 -13.52
N ILE B 24 -1.78 -0.09 -14.38
CA ILE B 24 -0.34 0.16 -14.30
C ILE B 24 -0.13 1.54 -13.70
N THR B 25 0.91 1.68 -12.88
CA THR B 25 1.18 2.93 -12.17
C THR B 25 2.50 3.52 -12.63
N SER B 26 2.60 4.85 -12.56
CA SER B 26 3.82 5.55 -12.92
C SER B 26 4.94 5.28 -11.92
N THR B 27 4.61 4.95 -10.68
CA THR B 27 5.59 4.77 -9.63
C THR B 27 5.25 3.52 -8.84
N ASP B 28 6.17 3.12 -7.96
CA ASP B 28 5.97 1.98 -7.08
C ASP B 28 5.03 2.36 -5.95
N ILE B 29 3.96 1.59 -5.79
CA ILE B 29 2.97 1.87 -4.74
C ILE B 29 2.82 0.65 -3.83
N ASP B 30 3.91 -0.10 -3.66
CA ASP B 30 3.87 -1.34 -2.88
C ASP B 30 2.71 -2.18 -3.39
N ASP B 31 1.77 -2.54 -2.52
CA ASP B 31 0.53 -3.18 -2.93
C ASP B 31 -0.67 -2.35 -2.48
N ASP B 32 -0.50 -1.03 -2.49
CA ASP B 32 -1.55 -0.11 -2.02
C ASP B 32 -2.53 0.23 -3.13
N MET B 33 -3.13 -0.82 -3.70
CA MET B 33 -4.11 -0.68 -4.77
C MET B 33 -5.49 -1.10 -4.26
N ASN B 34 -6.48 -0.25 -4.52
CA ASN B 34 -7.85 -0.49 -4.11
C ASN B 34 -8.74 -0.54 -5.35
N TRP B 35 -9.80 -1.34 -5.26
CA TRP B 35 -10.68 -1.60 -6.40
C TRP B 35 -12.12 -1.35 -6.02
N TYR B 36 -12.79 -0.51 -6.80
CA TYR B 36 -14.16 -0.09 -6.53
C TYR B 36 -15.08 -0.55 -7.64
N GLN B 37 -16.35 -0.69 -7.27
CA GLN B 37 -17.44 -0.95 -8.21
C GLN B 37 -18.47 0.17 -8.05
N GLN B 38 -18.85 0.80 -9.15
CA GLN B 38 -19.83 1.87 -9.13
C GLN B 38 -20.97 1.51 -10.08
N LYS B 39 -22.17 1.42 -9.54
CA LYS B 39 -23.37 1.23 -10.34
C LYS B 39 -24.07 2.56 -10.55
N PRO B 40 -24.88 2.69 -11.62
CA PRO B 40 -25.50 3.99 -11.91
C PRO B 40 -26.30 4.52 -10.74
N GLY B 41 -26.13 5.81 -10.47
CA GLY B 41 -26.86 6.48 -9.41
C GLY B 41 -26.35 6.24 -8.01
N GLU B 42 -25.33 5.41 -7.85
CA GLU B 42 -24.77 5.08 -6.55
C GLU B 42 -23.36 5.63 -6.43
N PRO B 43 -22.81 5.68 -5.21
CA PRO B 43 -21.40 6.02 -5.06
C PRO B 43 -20.53 4.80 -5.26
N PRO B 44 -19.23 4.97 -5.46
CA PRO B 44 -18.36 3.80 -5.57
C PRO B 44 -18.46 2.91 -4.34
N LYS B 45 -18.36 1.60 -4.58
CA LYS B 45 -18.38 0.59 -3.53
C LYS B 45 -17.02 -0.08 -3.46
N LEU B 46 -16.39 -0.02 -2.29
CA LEU B 46 -15.09 -0.66 -2.11
C LEU B 46 -15.25 -2.18 -2.10
N LEU B 47 -14.55 -2.85 -3.00
CA LEU B 47 -14.53 -4.30 -3.07
C LEU B 47 -13.23 -4.90 -2.55
N ILE B 48 -12.10 -4.33 -2.96
CA ILE B 48 -10.78 -4.79 -2.53
C ILE B 48 -9.95 -3.57 -2.14
N SER B 49 -9.18 -3.70 -1.08
CA SER B 49 -8.37 -2.60 -0.56
C SER B 49 -6.90 -3.02 -0.54
N GLU B 50 -6.08 -2.20 0.12
CA GLU B 50 -4.63 -2.41 0.11
C GLU B 50 -4.27 -3.83 0.51
N GLY B 51 -3.40 -4.45 -0.28
CA GLY B 51 -2.96 -5.80 0.00
C GLY B 51 -3.87 -6.89 -0.51
N ASN B 52 -4.63 -6.61 -1.58
CA ASN B 52 -5.55 -7.60 -2.16
C ASN B 52 -6.59 -8.04 -1.14
N THR B 53 -6.99 -7.14 -0.25
CA THR B 53 -7.86 -7.48 0.89
C THR B 53 -9.32 -7.38 0.45
N LEU B 54 -9.98 -8.54 0.36
CA LEU B 54 -11.40 -8.57 0.02
C LEU B 54 -12.22 -8.11 1.21
N ARG B 55 -12.94 -7.00 1.05
CA ARG B 55 -13.71 -6.45 2.14
C ARG B 55 -14.81 -7.43 2.56
N PRO B 56 -15.19 -7.44 3.83
CA PRO B 56 -16.27 -8.32 4.27
C PRO B 56 -17.58 -7.98 3.56
N GLY B 57 -18.33 -9.02 3.22
CA GLY B 57 -19.57 -8.87 2.49
C GLY B 57 -19.44 -8.97 1.00
N VAL B 58 -18.23 -8.84 0.46
CA VAL B 58 -18.02 -8.92 -0.98
C VAL B 58 -17.91 -10.38 -1.39
N PRO B 59 -18.59 -10.81 -2.46
CA PRO B 59 -18.47 -12.21 -2.89
C PRO B 59 -17.04 -12.58 -3.19
N SER B 60 -16.72 -13.87 -3.02
CA SER B 60 -15.38 -14.37 -3.27
C SER B 60 -15.04 -14.42 -4.75
N ARG B 61 -15.99 -14.13 -5.63
CA ARG B 61 -15.70 -14.08 -7.06
C ARG B 61 -14.65 -13.03 -7.40
N PHE B 62 -14.44 -12.05 -6.53
CA PHE B 62 -13.54 -10.93 -6.78
C PHE B 62 -12.21 -11.18 -6.08
N SER B 63 -11.12 -10.96 -6.81
CA SER B 63 -9.79 -11.05 -6.24
C SER B 63 -8.88 -10.09 -7.00
N SER B 64 -7.64 -9.99 -6.56
CA SER B 64 -6.66 -9.12 -7.20
C SER B 64 -5.27 -9.53 -6.78
N SER B 65 -4.29 -9.18 -7.62
CA SER B 65 -2.90 -9.45 -7.32
C SER B 65 -2.06 -8.33 -7.92
N GLY B 66 -0.81 -8.26 -7.47
CA GLY B 66 0.13 -7.31 -8.02
C GLY B 66 0.83 -6.45 -6.99
N PHE B 67 1.91 -5.81 -7.41
CA PHE B 67 2.65 -4.89 -6.57
C PHE B 67 3.60 -4.10 -7.44
N ASP B 68 4.26 -3.11 -6.83
CA ASP B 68 5.15 -2.20 -7.54
C ASP B 68 4.35 -1.36 -8.53
N THR B 69 4.34 -1.73 -9.82
CA THR B 69 3.71 -0.93 -10.85
C THR B 69 2.65 -1.67 -11.67
N ASP B 70 2.40 -2.95 -11.39
CA ASP B 70 1.55 -3.77 -12.24
C ASP B 70 0.52 -4.50 -11.37
N PHE B 71 -0.75 -4.14 -11.55
CA PHE B 71 -1.85 -4.68 -10.75
C PHE B 71 -2.95 -5.19 -11.66
N VAL B 72 -3.67 -6.21 -11.18
CA VAL B 72 -4.71 -6.87 -11.95
C VAL B 72 -5.90 -7.18 -11.05
N PHE B 73 -7.09 -7.08 -11.62
CA PHE B 73 -8.35 -7.33 -10.94
C PHE B 73 -9.16 -8.30 -11.78
N THR B 74 -9.67 -9.36 -11.16
CA THR B 74 -10.35 -10.42 -11.88
C THR B 74 -11.66 -10.78 -11.20
N ILE B 75 -12.64 -11.16 -12.02
CA ILE B 75 -13.93 -11.67 -11.56
C ILE B 75 -14.09 -13.05 -12.17
N GLU B 76 -14.13 -14.08 -11.33
CA GLU B 76 -14.37 -15.44 -11.79
C GLU B 76 -15.86 -15.75 -11.72
N ASN B 77 -16.35 -16.51 -12.70
CA ASN B 77 -17.76 -16.84 -12.81
C ASN B 77 -18.62 -15.58 -12.67
N MET B 78 -18.44 -14.69 -13.63
CA MET B 78 -19.15 -13.42 -13.63
C MET B 78 -20.66 -13.64 -13.60
N LEU B 79 -21.39 -12.62 -13.15
CA LEU B 79 -22.84 -12.67 -13.08
C LEU B 79 -23.43 -11.40 -13.67
N SER B 80 -24.76 -11.44 -13.87
CA SER B 80 -25.46 -10.29 -14.43
C SER B 80 -25.35 -9.08 -13.53
N GLU B 81 -25.19 -9.28 -12.23
CA GLU B 81 -25.15 -8.16 -11.29
C GLU B 81 -23.84 -7.39 -11.38
N ASP B 82 -22.80 -7.97 -11.99
CA ASP B 82 -21.49 -7.36 -12.06
C ASP B 82 -21.40 -6.27 -13.12
N ALA B 83 -22.40 -6.12 -13.98
CA ALA B 83 -22.42 -5.05 -14.97
C ALA B 83 -22.38 -3.71 -14.26
N ALA B 84 -21.27 -2.99 -14.37
CA ALA B 84 -21.08 -1.72 -13.68
C ALA B 84 -19.79 -1.09 -14.20
N ASP B 85 -19.38 -0.01 -13.55
CA ASP B 85 -18.05 0.57 -13.75
C ASP B 85 -17.13 0.11 -12.63
N TYR B 86 -15.84 0.06 -12.93
CA TYR B 86 -14.84 -0.36 -11.96
C TYR B 86 -13.66 0.59 -12.03
N TYR B 87 -13.29 1.15 -10.89
CA TYR B 87 -12.15 2.06 -10.79
C TYR B 87 -11.13 1.48 -9.81
N CYS B 88 -9.85 1.68 -10.12
CA CYS B 88 -8.77 1.34 -9.21
C CYS B 88 -8.24 2.61 -8.58
N LEU B 89 -7.72 2.47 -7.36
CA LEU B 89 -7.25 3.62 -6.58
C LEU B 89 -5.97 3.26 -5.85
N GLN B 90 -4.98 4.14 -5.94
CA GLN B 90 -3.72 3.98 -5.24
C GLN B 90 -3.75 4.84 -3.98
N SER B 91 -3.45 4.22 -2.84
CA SER B 91 -3.40 4.89 -1.55
C SER B 91 -1.98 4.88 -0.99
N ASP B 92 -0.98 4.86 -1.88
CA ASP B 92 0.42 4.82 -1.47
C ASP B 92 0.95 6.22 -1.15
N ASN B 93 0.78 7.16 -2.06
CA ASN B 93 1.29 8.51 -1.89
C ASN B 93 0.22 9.50 -2.33
N SER B 94 0.39 10.74 -1.90
CA SER B 94 -0.57 11.76 -2.30
C SER B 94 -0.05 12.55 -3.50
N PRO B 95 -0.94 13.10 -4.34
CA PRO B 95 -2.39 12.96 -4.23
C PRO B 95 -2.85 11.56 -4.63
N PHE B 96 -3.87 11.04 -3.96
CA PHE B 96 -4.37 9.71 -4.27
C PHE B 96 -5.12 9.76 -5.59
N THR B 97 -4.67 8.97 -6.55
CA THR B 97 -5.14 9.06 -7.92
C THR B 97 -5.94 7.83 -8.30
N PHE B 98 -6.99 8.05 -9.09
CA PHE B 98 -7.84 6.97 -9.59
C PHE B 98 -7.41 6.57 -10.99
N GLY B 99 -7.92 5.43 -11.43
CA GLY B 99 -7.74 5.00 -12.81
C GLY B 99 -8.82 5.55 -13.72
N GLY B 100 -8.61 5.38 -15.02
CA GLY B 100 -9.56 5.88 -16.00
C GLY B 100 -10.94 5.28 -15.88
N GLY B 101 -11.04 4.11 -15.30
CA GLY B 101 -12.32 3.41 -15.20
C GLY B 101 -12.47 2.36 -16.29
N THR B 102 -13.28 1.35 -16.00
CA THR B 102 -13.58 0.28 -16.95
C THR B 102 -15.07 -0.01 -16.88
N LYS B 103 -15.75 0.07 -18.02
CA LYS B 103 -17.17 -0.24 -18.09
C LYS B 103 -17.34 -1.71 -18.47
N LEU B 104 -18.09 -2.45 -17.65
CA LEU B 104 -18.25 -3.88 -17.83
C LEU B 104 -19.68 -4.18 -18.26
N GLN B 105 -19.81 -4.84 -19.40
CA GLN B 105 -21.11 -5.17 -19.99
C GLN B 105 -21.26 -6.67 -20.12
N ILE B 106 -22.47 -7.16 -19.88
CA ILE B 106 -22.79 -8.57 -20.09
C ILE B 106 -22.96 -8.81 -21.59
N LYS B 107 -22.63 -10.03 -22.00
CA LYS B 107 -22.84 -10.48 -23.37
C LYS B 107 -23.86 -11.60 -23.33
N ARG B 108 -25.02 -11.38 -23.91
CA ARG B 108 -26.12 -12.34 -23.85
C ARG B 108 -26.72 -12.52 -25.24
N ALA B 109 -27.76 -13.34 -25.31
CA ALA B 109 -28.47 -13.57 -26.56
C ALA B 109 -29.29 -12.35 -26.93
N ASP B 110 -29.37 -12.07 -28.21
CA ASP B 110 -30.08 -10.89 -28.68
C ASP B 110 -31.53 -10.93 -28.21
N ALA B 111 -32.12 -9.76 -28.01
CA ALA B 111 -33.50 -9.62 -27.59
C ALA B 111 -34.13 -8.45 -28.33
N ALA B 112 -35.35 -8.65 -28.81
CA ALA B 112 -36.02 -7.60 -29.57
C ALA B 112 -36.68 -6.60 -28.62
N PRO B 113 -36.65 -5.31 -28.95
CA PRO B 113 -37.27 -4.32 -28.07
C PRO B 113 -38.78 -4.48 -28.01
N THR B 114 -39.34 -4.07 -26.87
CA THR B 114 -40.79 -4.01 -26.67
C THR B 114 -41.20 -2.55 -26.90
N VAL B 115 -41.62 -2.25 -28.13
CA VAL B 115 -41.88 -0.88 -28.54
C VAL B 115 -43.26 -0.45 -28.05
N SER B 116 -43.33 0.77 -27.50
CA SER B 116 -44.56 1.35 -27.02
C SER B 116 -44.56 2.84 -27.33
N ILE B 117 -45.62 3.29 -28.01
CA ILE B 117 -45.75 4.68 -28.41
C ILE B 117 -46.89 5.31 -27.62
N PHE B 118 -46.76 6.61 -27.36
CA PHE B 118 -47.70 7.32 -26.49
C PHE B 118 -48.01 8.68 -27.11
N PRO B 119 -49.29 9.02 -27.31
CA PRO B 119 -49.63 10.35 -27.79
C PRO B 119 -49.41 11.38 -26.70
N PRO B 120 -49.26 12.65 -27.06
CA PRO B 120 -49.19 13.70 -26.02
C PRO B 120 -50.48 13.75 -25.21
N SER B 121 -50.37 14.32 -24.02
CA SER B 121 -51.50 14.42 -23.12
C SER B 121 -52.20 15.77 -23.28
N SER B 122 -53.46 15.81 -22.84
CA SER B 122 -54.18 17.08 -22.85
C SER B 122 -53.51 18.10 -21.95
N GLU B 123 -52.80 17.66 -20.91
CA GLU B 123 -52.11 18.59 -20.04
C GLU B 123 -51.03 19.36 -20.81
N GLN B 124 -50.23 18.65 -21.60
CA GLN B 124 -49.16 19.31 -22.35
C GLN B 124 -49.73 20.10 -23.52
N LEU B 125 -50.79 19.58 -24.17
CA LEU B 125 -51.40 20.30 -25.27
C LEU B 125 -52.02 21.61 -24.81
N THR B 126 -52.72 21.58 -23.67
CA THR B 126 -53.27 22.82 -23.11
C THR B 126 -52.17 23.82 -22.80
N SER B 127 -50.96 23.35 -22.48
CA SER B 127 -49.85 24.24 -22.21
C SER B 127 -49.22 24.78 -23.49
N GLY B 128 -49.58 24.26 -24.66
CA GLY B 128 -49.09 24.76 -25.92
C GLY B 128 -48.04 23.90 -26.59
N GLY B 129 -47.66 22.78 -26.00
CA GLY B 129 -46.67 21.90 -26.59
C GLY B 129 -47.17 20.49 -26.79
N ALA B 130 -46.48 19.72 -27.62
CA ALA B 130 -46.83 18.34 -27.87
C ALA B 130 -45.57 17.50 -27.94
N SER B 131 -45.55 16.40 -27.20
CA SER B 131 -44.41 15.49 -27.17
C SER B 131 -44.92 14.08 -27.43
N VAL B 132 -44.36 13.43 -28.45
CA VAL B 132 -44.68 12.05 -28.75
C VAL B 132 -43.52 11.20 -28.22
N VAL B 133 -43.81 10.35 -27.24
CA VAL B 133 -42.80 9.56 -26.56
C VAL B 133 -42.92 8.12 -27.02
N CYS B 134 -41.79 7.52 -27.37
CA CYS B 134 -41.72 6.12 -27.75
C CYS B 134 -40.72 5.42 -26.83
N PHE B 135 -41.09 4.23 -26.35
CA PHE B 135 -40.28 3.46 -25.41
C PHE B 135 -39.85 2.16 -26.09
N LEU B 136 -38.54 1.94 -26.16
CA LEU B 136 -37.96 0.70 -26.66
C LEU B 136 -37.24 0.04 -25.49
N ASN B 137 -37.86 -1.00 -24.93
CA ASN B 137 -37.43 -1.58 -23.66
C ASN B 137 -36.94 -3.02 -23.82
N ASN B 138 -35.86 -3.34 -23.10
CA ASN B 138 -35.36 -4.70 -22.91
C ASN B 138 -34.97 -5.33 -24.25
N PHE B 139 -33.86 -4.83 -24.78
CA PHE B 139 -33.30 -5.36 -26.01
C PHE B 139 -31.79 -5.51 -25.88
N TYR B 140 -31.23 -6.30 -26.80
CA TYR B 140 -29.79 -6.53 -26.84
C TYR B 140 -29.43 -6.95 -28.26
N PRO B 141 -28.31 -6.46 -28.83
CA PRO B 141 -27.33 -5.52 -28.26
C PRO B 141 -27.83 -4.08 -28.18
N LYS B 142 -27.00 -3.20 -27.65
CA LYS B 142 -27.38 -1.80 -27.48
C LYS B 142 -27.53 -1.08 -28.81
N ASP B 143 -26.95 -1.60 -29.89
CA ASP B 143 -27.10 -0.98 -31.20
C ASP B 143 -28.55 -1.03 -31.64
N ILE B 144 -29.11 0.14 -31.98
CA ILE B 144 -30.48 0.23 -32.44
C ILE B 144 -30.76 1.66 -32.91
N ASN B 145 -31.63 1.80 -33.90
CA ASN B 145 -32.02 3.10 -34.42
C ASN B 145 -33.53 3.27 -34.31
N VAL B 146 -33.97 4.52 -34.34
CA VAL B 146 -35.38 4.87 -34.24
C VAL B 146 -35.70 5.88 -35.32
N LYS B 147 -36.59 5.50 -36.23
CA LYS B 147 -37.12 6.40 -37.25
C LYS B 147 -38.48 6.90 -36.81
N TRP B 148 -38.71 8.19 -36.97
CA TRP B 148 -40.02 8.81 -36.76
C TRP B 148 -40.62 9.18 -38.11
N LYS B 149 -41.93 8.99 -38.24
CA LYS B 149 -42.63 9.32 -39.48
C LYS B 149 -43.95 10.00 -39.13
N ILE B 150 -44.23 11.12 -39.81
CA ILE B 150 -45.49 11.83 -39.66
C ILE B 150 -46.22 11.79 -40.99
N ASP B 151 -47.40 11.18 -40.98
CA ASP B 151 -48.22 11.05 -42.20
C ASP B 151 -47.44 10.34 -43.31
N GLY B 152 -46.48 9.48 -42.93
CA GLY B 152 -45.78 8.64 -43.87
C GLY B 152 -44.41 9.13 -44.31
N SER B 153 -43.99 10.31 -43.88
CA SER B 153 -42.69 10.87 -44.26
C SER B 153 -41.78 10.97 -43.04
N GLU B 154 -40.53 10.58 -43.23
CA GLU B 154 -39.57 10.57 -42.12
C GLU B 154 -39.35 11.99 -41.60
N ARG B 155 -39.09 12.09 -40.30
CA ARG B 155 -38.73 13.35 -39.66
C ARG B 155 -37.61 13.09 -38.66
N GLN B 156 -36.59 13.95 -38.70
CA GLN B 156 -35.44 13.82 -37.81
C GLN B 156 -35.26 15.01 -36.87
N ASN B 157 -35.75 16.19 -37.23
CA ASN B 157 -35.62 17.35 -36.36
C ASN B 157 -36.54 17.22 -35.15
N GLY B 158 -36.08 17.75 -34.03
CA GLY B 158 -36.89 17.74 -32.82
C GLY B 158 -37.05 16.36 -32.21
N VAL B 159 -36.00 15.54 -32.28
CA VAL B 159 -36.01 14.19 -31.72
C VAL B 159 -34.88 14.10 -30.70
N LEU B 160 -35.20 13.62 -29.50
CA LEU B 160 -34.22 13.47 -28.44
C LEU B 160 -34.28 12.05 -27.90
N ASN B 161 -33.13 11.40 -27.83
CA ASN B 161 -33.02 10.02 -27.38
C ASN B 161 -32.18 9.95 -26.11
N SER B 162 -32.35 8.84 -25.39
CA SER B 162 -31.52 8.54 -24.22
C SER B 162 -31.63 7.05 -23.95
N TRP B 163 -30.53 6.47 -23.49
CA TRP B 163 -30.44 5.05 -23.16
C TRP B 163 -30.25 4.88 -21.65
N THR B 164 -30.63 3.71 -21.16
CA THR B 164 -30.30 3.31 -19.81
C THR B 164 -29.04 2.45 -19.81
N ASP B 165 -28.48 2.26 -18.62
CA ASP B 165 -27.38 1.32 -18.45
C ASP B 165 -27.92 -0.11 -18.44
N GLN B 166 -27.01 -1.07 -18.62
CA GLN B 166 -27.40 -2.45 -18.75
C GLN B 166 -28.13 -2.93 -17.50
N ASP B 167 -29.29 -3.55 -17.71
CA ASP B 167 -30.09 -4.04 -16.59
C ASP B 167 -29.30 -5.08 -15.80
N SER B 168 -29.45 -5.03 -14.48
CA SER B 168 -28.71 -5.95 -13.61
C SER B 168 -29.26 -7.37 -13.65
N LYS B 169 -30.49 -7.56 -14.12
CA LYS B 169 -31.14 -8.87 -14.09
C LYS B 169 -31.08 -9.57 -15.45
N ASP B 170 -31.74 -9.01 -16.46
CA ASP B 170 -31.78 -9.63 -17.78
C ASP B 170 -30.70 -9.08 -18.71
N SER B 171 -29.85 -8.17 -18.24
CA SER B 171 -28.69 -7.70 -19.01
C SER B 171 -29.10 -7.10 -20.36
N THR B 172 -30.21 -6.36 -20.37
CA THR B 172 -30.72 -5.72 -21.57
C THR B 172 -30.63 -4.20 -21.44
N TYR B 173 -31.04 -3.52 -22.50
CA TYR B 173 -31.03 -2.07 -22.55
C TYR B 173 -32.43 -1.55 -22.89
N SER B 174 -32.64 -0.26 -22.64
CA SER B 174 -33.89 0.40 -22.97
C SER B 174 -33.58 1.82 -23.43
N MET B 175 -34.45 2.35 -24.27
CA MET B 175 -34.29 3.68 -24.84
C MET B 175 -35.64 4.39 -24.90
N SER B 176 -35.60 5.70 -24.78
CA SER B 176 -36.78 6.55 -24.93
C SER B 176 -36.49 7.60 -25.98
N SER B 177 -37.30 7.61 -27.04
CA SER B 177 -37.23 8.62 -28.09
C SER B 177 -38.44 9.53 -27.97
N THR B 178 -38.19 10.84 -27.91
CA THR B 178 -39.24 11.84 -27.76
C THR B 178 -39.25 12.77 -28.97
N LEU B 179 -40.41 12.92 -29.58
CA LEU B 179 -40.61 13.83 -30.69
C LEU B 179 -41.43 15.01 -30.19
N THR B 180 -40.80 16.18 -30.12
CA THR B 180 -41.42 17.38 -29.56
C THR B 180 -41.83 18.31 -30.69
N LEU B 181 -43.09 18.71 -30.69
CA LEU B 181 -43.65 19.57 -31.71
C LEU B 181 -44.46 20.68 -31.05
N THR B 182 -44.85 21.65 -31.85
CA THR B 182 -45.81 22.64 -31.42
C THR B 182 -47.18 22.01 -31.32
N LYS B 183 -48.06 22.62 -30.52
CA LYS B 183 -49.44 22.16 -30.44
C LYS B 183 -50.08 22.14 -31.82
N ASP B 184 -49.98 23.27 -32.55
CA ASP B 184 -50.66 23.36 -33.84
C ASP B 184 -49.93 22.56 -34.90
N GLU B 185 -48.61 22.41 -34.80
CA GLU B 185 -47.92 21.50 -35.70
C GLU B 185 -48.40 20.08 -35.51
N TYR B 186 -48.71 19.70 -34.25
CA TYR B 186 -49.22 18.37 -33.98
C TYR B 186 -50.66 18.24 -34.45
N GLU B 187 -51.48 19.28 -34.26
CA GLU B 187 -52.88 19.26 -34.69
C GLU B 187 -53.03 19.29 -36.20
N ARG B 188 -51.95 19.51 -36.96
CA ARG B 188 -52.00 19.57 -38.41
C ARG B 188 -51.65 18.23 -39.06
N HIS B 189 -51.55 17.15 -38.29
CA HIS B 189 -51.23 15.84 -38.83
C HIS B 189 -52.01 14.79 -38.06
N ASN B 190 -52.07 13.58 -38.63
CA ASN B 190 -52.95 12.54 -38.11
C ASN B 190 -52.18 11.33 -37.61
N SER B 191 -51.34 10.69 -38.45
CA SER B 191 -50.69 9.44 -38.10
C SER B 191 -49.25 9.68 -37.69
N TYR B 192 -48.87 9.17 -36.52
CA TYR B 192 -47.50 9.24 -36.00
C TYR B 192 -46.98 7.84 -35.80
N THR B 193 -45.77 7.58 -36.29
CA THR B 193 -45.22 6.23 -36.33
C THR B 193 -43.84 6.22 -35.69
N CYS B 194 -43.63 5.29 -34.77
CA CYS B 194 -42.34 5.03 -34.15
C CYS B 194 -41.80 3.75 -34.76
N GLU B 195 -40.69 3.85 -35.49
CA GLU B 195 -40.11 2.72 -36.20
C GLU B 195 -38.78 2.35 -35.56
N ALA B 196 -38.62 1.07 -35.26
CA ALA B 196 -37.43 0.57 -34.56
C ALA B 196 -36.81 -0.56 -35.38
N THR B 197 -35.57 -0.35 -35.83
CA THR B 197 -34.82 -1.34 -36.58
C THR B 197 -33.76 -1.95 -35.67
N HIS B 198 -33.82 -3.26 -35.49
CA HIS B 198 -32.92 -3.97 -34.59
C HIS B 198 -32.35 -5.19 -35.27
N LYS B 199 -31.21 -5.66 -34.75
CA LYS B 199 -30.55 -6.85 -35.27
C LYS B 199 -31.41 -8.10 -35.17
N THR B 200 -32.46 -8.07 -34.33
CA THR B 200 -33.28 -9.25 -34.07
C THR B 200 -34.36 -9.48 -35.11
N SER B 201 -34.51 -8.59 -36.10
CA SER B 201 -35.54 -8.75 -37.10
C SER B 201 -35.22 -7.84 -38.27
N THR B 202 -35.23 -8.40 -39.49
CA THR B 202 -34.99 -7.59 -40.68
C THR B 202 -36.12 -6.58 -40.89
N SER B 203 -37.36 -7.02 -40.70
CA SER B 203 -38.48 -6.09 -40.76
C SER B 203 -38.55 -5.28 -39.47
N PRO B 204 -38.71 -3.97 -39.54
CA PRO B 204 -38.69 -3.15 -38.32
C PRO B 204 -39.91 -3.39 -37.45
N ILE B 205 -39.75 -3.14 -36.15
CA ILE B 205 -40.86 -3.19 -35.21
C ILE B 205 -41.53 -1.82 -35.25
N VAL B 206 -42.75 -1.77 -35.79
CA VAL B 206 -43.45 -0.51 -35.99
C VAL B 206 -44.56 -0.37 -34.96
N LYS B 207 -44.72 0.85 -34.44
CA LYS B 207 -45.78 1.17 -33.50
C LYS B 207 -46.29 2.55 -33.86
N SER B 208 -47.59 2.63 -34.19
CA SER B 208 -48.15 3.87 -34.71
C SER B 208 -49.49 4.15 -34.03
N PHE B 209 -50.01 5.34 -34.27
CA PHE B 209 -51.34 5.70 -33.82
C PHE B 209 -51.83 6.89 -34.62
N ASN B 210 -53.10 6.86 -35.01
CA ASN B 210 -53.74 7.97 -35.68
C ASN B 210 -54.47 8.84 -34.67
N ARG B 211 -54.46 10.14 -34.92
CA ARG B 211 -55.13 11.10 -34.04
C ARG B 211 -56.65 11.07 -34.21
N ASN B 212 -57.23 9.87 -34.40
CA ASN B 212 -58.69 9.68 -34.54
C ASN B 212 -59.02 8.41 -33.76
N GLU B 213 -59.10 8.55 -32.44
CA GLU B 213 -59.34 7.40 -31.56
C GLU B 213 -60.28 7.78 -30.42
N GLN C 1 9.07 13.03 28.93
CA GLN C 1 10.07 12.41 28.01
C GLN C 1 9.51 11.14 27.37
N VAL C 2 9.64 11.04 26.05
CA VAL C 2 9.07 9.93 25.30
C VAL C 2 9.96 8.71 25.44
N GLN C 3 9.36 7.57 25.74
CA GLN C 3 10.08 6.31 25.87
C GLN C 3 9.26 5.19 25.26
N LEU C 4 9.94 4.28 24.56
CA LEU C 4 9.31 3.10 23.96
C LEU C 4 9.94 1.85 24.54
N VAL C 5 9.13 1.04 25.22
CA VAL C 5 9.57 -0.17 25.89
C VAL C 5 9.07 -1.37 25.10
N GLN C 6 9.99 -2.12 24.51
CA GLN C 6 9.64 -3.31 23.75
C GLN C 6 9.80 -4.56 24.62
N SER C 7 9.12 -5.62 24.23
CA SER C 7 9.16 -6.87 24.99
C SER C 7 10.56 -7.49 24.89
N GLY C 8 10.75 -8.60 25.63
CA GLY C 8 12.03 -9.26 25.67
C GLY C 8 12.27 -10.19 24.50
N ALA C 9 13.51 -10.66 24.40
CA ALA C 9 13.91 -11.51 23.29
C ALA C 9 13.13 -12.82 23.31
N GLU C 10 12.94 -13.39 22.13
CA GLU C 10 12.11 -14.58 21.94
C GLU C 10 12.84 -15.59 21.08
N VAL C 11 12.45 -16.85 21.25
CA VAL C 11 12.94 -17.95 20.43
C VAL C 11 11.73 -18.77 19.99
N LYS C 12 11.60 -18.97 18.68
CA LYS C 12 10.47 -19.69 18.13
C LYS C 12 10.98 -20.71 17.12
N LYS C 13 10.33 -21.87 17.08
CA LYS C 13 10.64 -22.85 16.08
C LYS C 13 10.09 -22.40 14.73
N PRO C 14 10.71 -22.83 13.63
CA PRO C 14 10.20 -22.44 12.31
C PRO C 14 8.73 -22.80 12.15
N GLY C 15 7.98 -21.93 11.47
CA GLY C 15 6.56 -22.12 11.28
C GLY C 15 5.70 -21.64 12.42
N ALA C 16 6.29 -21.28 13.57
CA ALA C 16 5.54 -20.77 14.70
C ALA C 16 5.27 -19.29 14.50
N SER C 17 4.75 -18.64 15.54
CA SER C 17 4.42 -17.23 15.50
C SER C 17 5.04 -16.52 16.70
N VAL C 18 5.43 -15.27 16.50
CA VAL C 18 5.98 -14.42 17.55
C VAL C 18 5.14 -13.15 17.63
N LYS C 19 4.94 -12.67 18.85
CA LYS C 19 4.18 -11.43 19.08
C LYS C 19 5.04 -10.51 19.94
N VAL C 20 5.53 -9.43 19.34
CA VAL C 20 6.32 -8.42 20.04
C VAL C 20 5.40 -7.28 20.43
N SER C 21 5.68 -6.67 21.58
CA SER C 21 4.88 -5.56 22.09
C SER C 21 5.76 -4.33 22.25
N CYS C 22 5.10 -3.18 22.41
CA CYS C 22 5.78 -1.90 22.44
C CYS C 22 4.89 -0.91 23.18
N LYS C 23 5.30 -0.51 24.38
CA LYS C 23 4.52 0.37 25.21
C LYS C 23 5.06 1.80 25.13
N ALA C 24 4.14 2.76 25.06
CA ALA C 24 4.48 4.18 25.03
C ALA C 24 4.26 4.79 26.40
N SER C 25 4.90 5.94 26.63
CA SER C 25 4.87 6.55 27.96
C SER C 25 4.51 8.03 27.92
N GLY C 26 5.42 8.88 27.45
CA GLY C 26 5.30 10.31 27.69
C GLY C 26 4.64 11.12 26.60
N TYR C 27 3.44 10.72 26.18
CA TYR C 27 2.70 11.46 25.16
C TYR C 27 1.34 10.77 25.01
N THR C 28 0.44 11.44 24.31
CA THR C 28 -0.89 10.89 24.03
C THR C 28 -0.74 9.73 23.05
N PHE C 29 -0.94 8.51 23.54
CA PHE C 29 -0.71 7.32 22.72
C PHE C 29 -1.53 7.33 21.44
N THR C 30 -2.75 7.89 21.48
CA THR C 30 -3.69 7.79 20.37
C THR C 30 -3.46 8.84 19.29
N SER C 31 -2.59 9.82 19.53
CA SER C 31 -2.36 10.90 18.58
C SER C 31 -1.12 10.66 17.72
N TYR C 32 -0.58 9.45 17.71
CA TYR C 32 0.60 9.13 16.93
C TYR C 32 0.44 7.74 16.32
N ALA C 33 1.09 7.55 15.18
CA ALA C 33 1.18 6.24 14.55
C ALA C 33 2.44 5.53 15.03
N MET C 34 2.48 4.23 14.81
CA MET C 34 3.56 3.38 15.32
C MET C 34 4.08 2.51 14.18
N HIS C 35 5.27 2.84 13.69
CA HIS C 35 5.97 2.00 12.73
C HIS C 35 6.50 0.73 13.38
N TRP C 36 6.76 -0.27 12.53
CA TRP C 36 7.44 -1.49 12.96
C TRP C 36 8.51 -1.81 11.93
N VAL C 37 9.76 -1.83 12.38
CA VAL C 37 10.92 -2.07 11.53
C VAL C 37 11.65 -3.30 12.03
N ARG C 38 12.32 -4.01 11.12
CA ARG C 38 13.19 -5.11 11.49
C ARG C 38 14.53 -4.94 10.78
N GLN C 39 15.55 -5.64 11.31
CA GLN C 39 16.90 -5.55 10.76
C GLN C 39 17.60 -6.89 10.99
N ALA C 40 17.83 -7.64 9.92
CA ALA C 40 18.64 -8.84 10.03
C ALA C 40 20.09 -8.47 10.33
N PRO C 41 20.83 -9.31 11.05
CA PRO C 41 22.19 -8.95 11.45
C PRO C 41 23.09 -8.69 10.24
N GLY C 42 23.62 -7.47 10.18
CA GLY C 42 24.52 -7.08 9.11
C GLY C 42 23.84 -6.50 7.89
N GLN C 43 22.52 -6.59 7.79
CA GLN C 43 21.78 -6.12 6.64
C GLN C 43 21.06 -4.82 6.99
N ARG C 44 20.34 -4.27 6.00
CA ARG C 44 19.73 -2.96 6.13
C ARG C 44 18.43 -3.03 6.93
N LEU C 45 17.93 -1.86 7.29
CA LEU C 45 16.61 -1.75 7.91
C LEU C 45 15.53 -2.01 6.88
N GLU C 46 14.46 -2.66 7.30
CA GLU C 46 13.35 -3.01 6.41
C GLU C 46 12.04 -2.72 7.12
N TRP C 47 11.22 -1.87 6.51
CA TRP C 47 9.94 -1.49 7.09
C TRP C 47 8.92 -2.61 6.90
N MET C 48 8.13 -2.86 7.94
CA MET C 48 7.11 -3.89 7.96
C MET C 48 5.68 -3.35 7.92
N GLY C 49 5.41 -2.25 8.62
CA GLY C 49 4.05 -1.76 8.72
C GLY C 49 3.92 -0.76 9.83
N TRP C 50 2.91 0.09 9.70
CA TRP C 50 2.53 0.99 10.79
C TRP C 50 1.05 0.85 11.09
N ILE C 51 0.67 1.33 12.27
CA ILE C 51 -0.71 1.29 12.73
C ILE C 51 -1.06 2.67 13.26
N ASN C 52 -2.31 3.08 13.05
CA ASN C 52 -2.83 4.32 13.62
C ASN C 52 -3.31 3.98 15.04
N ALA C 53 -2.60 4.49 16.03
CA ALA C 53 -2.96 4.19 17.42
C ALA C 53 -4.33 4.72 17.79
N GLY C 54 -4.88 5.65 17.01
CA GLY C 54 -6.15 6.26 17.33
C GLY C 54 -7.33 5.38 16.95
N ASN C 55 -7.25 4.72 15.81
CA ASN C 55 -8.37 3.94 15.28
C ASN C 55 -8.00 2.54 14.84
N GLY C 56 -6.73 2.16 14.92
CA GLY C 56 -6.32 0.82 14.60
C GLY C 56 -6.08 0.55 13.14
N ASN C 57 -6.40 1.50 12.25
CA ASN C 57 -6.13 1.31 10.84
C ASN C 57 -4.65 1.08 10.62
N THR C 58 -4.33 0.10 9.77
CA THR C 58 -2.95 -0.33 9.59
C THR C 58 -2.48 -0.08 8.15
N LYS C 59 -1.18 -0.28 7.97
CA LYS C 59 -0.52 -0.26 6.68
C LYS C 59 0.62 -1.26 6.79
N TYR C 60 0.69 -2.19 5.84
CA TYR C 60 1.70 -3.23 5.86
C TYR C 60 2.65 -3.07 4.68
N SER C 61 3.62 -3.97 4.59
CA SER C 61 4.55 -4.02 3.49
C SER C 61 4.21 -5.21 2.61
N GLN C 62 4.35 -5.02 1.29
CA GLN C 62 4.06 -6.09 0.37
C GLN C 62 4.88 -7.34 0.65
N LYS C 63 6.02 -7.21 1.32
CA LYS C 63 6.87 -8.35 1.61
C LYS C 63 6.35 -9.18 2.78
N PHE C 64 5.46 -8.62 3.61
CA PHE C 64 4.91 -9.33 4.76
C PHE C 64 3.39 -9.37 4.75
N GLN C 65 2.74 -8.91 3.67
CA GLN C 65 1.30 -8.70 3.68
C GLN C 65 0.55 -9.89 4.26
N GLY C 66 0.97 -11.11 3.90
CA GLY C 66 0.19 -12.28 4.26
C GLY C 66 0.30 -12.71 5.70
N ARG C 67 1.44 -12.42 6.36
CA ARG C 67 1.72 -13.05 7.64
C ARG C 67 2.06 -12.07 8.76
N VAL C 68 1.99 -10.77 8.52
CA VAL C 68 2.22 -9.78 9.57
C VAL C 68 0.88 -9.25 10.06
N THR C 69 0.84 -8.85 11.33
CA THR C 69 -0.36 -8.27 11.92
C THR C 69 0.06 -7.31 13.02
N ILE C 70 -0.37 -6.06 12.91
CA ILE C 70 -0.07 -5.02 13.88
C ILE C 70 -1.39 -4.60 14.52
N THR C 71 -1.49 -4.71 15.84
CA THR C 71 -2.67 -4.29 16.57
C THR C 71 -2.25 -3.33 17.69
N ARG C 72 -3.22 -2.93 18.49
CA ARG C 72 -2.96 -2.01 19.59
C ARG C 72 -4.00 -2.21 20.67
N ASP C 73 -3.56 -2.07 21.91
CA ASP C 73 -4.44 -1.96 23.07
C ASP C 73 -4.29 -0.52 23.58
N THR C 74 -5.32 0.29 23.36
CA THR C 74 -5.18 1.71 23.64
C THR C 74 -5.19 2.00 25.13
N SER C 75 -5.90 1.20 25.92
CA SER C 75 -5.89 1.37 27.37
C SER C 75 -4.47 1.22 27.92
N ALA C 76 -3.77 0.19 27.46
CA ALA C 76 -2.42 -0.09 27.94
C ALA C 76 -1.35 0.79 27.30
N SER C 77 -1.71 1.61 26.31
CA SER C 77 -0.74 2.44 25.59
C SER C 77 0.32 1.56 24.92
N THR C 78 -0.13 0.48 24.28
CA THR C 78 0.77 -0.54 23.78
C THR C 78 0.39 -0.93 22.36
N ALA C 79 1.41 -1.17 21.53
CA ALA C 79 1.25 -1.67 20.19
C ALA C 79 1.84 -3.07 20.11
N TYR C 80 1.34 -3.86 19.17
CA TYR C 80 1.79 -5.23 18.98
C TYR C 80 2.11 -5.49 17.53
N MET C 81 2.91 -6.54 17.30
CA MET C 81 3.30 -6.94 15.96
C MET C 81 3.45 -8.45 15.97
N GLU C 82 2.60 -9.15 15.25
CA GLU C 82 2.67 -10.59 15.13
C GLU C 82 3.18 -10.96 13.76
N LEU C 83 4.05 -11.97 13.71
CA LEU C 83 4.62 -12.45 12.45
C LEU C 83 4.49 -13.96 12.43
N SER C 84 3.76 -14.48 11.45
CA SER C 84 3.47 -15.90 11.35
C SER C 84 4.35 -16.57 10.30
N SER C 85 4.31 -17.90 10.30
CA SER C 85 5.07 -18.70 9.34
C SER C 85 6.54 -18.32 9.37
N LEU C 86 7.13 -18.35 10.56
CA LEU C 86 8.50 -17.90 10.74
C LEU C 86 9.47 -18.81 10.00
N ARG C 87 10.34 -18.21 9.20
CA ARG C 87 11.42 -18.90 8.54
C ARG C 87 12.75 -18.58 9.23
N SER C 88 13.82 -19.23 8.78
CA SER C 88 15.14 -18.96 9.35
C SER C 88 15.57 -17.52 9.08
N GLU C 89 15.14 -16.96 7.95
CA GLU C 89 15.52 -15.59 7.58
C GLU C 89 14.67 -14.54 8.29
N ASP C 90 13.74 -14.93 9.15
CA ASP C 90 13.01 -13.98 9.96
C ASP C 90 13.73 -13.62 11.24
N THR C 91 14.83 -14.32 11.55
CA THR C 91 15.67 -13.96 12.68
C THR C 91 16.20 -12.55 12.49
N ALA C 92 15.89 -11.66 13.43
CA ALA C 92 16.31 -10.27 13.31
C ALA C 92 15.93 -9.54 14.58
N VAL C 93 16.35 -8.28 14.67
CA VAL C 93 15.88 -7.36 15.69
C VAL C 93 14.66 -6.64 15.14
N TYR C 94 13.62 -6.51 15.95
CA TYR C 94 12.38 -5.88 15.56
C TYR C 94 12.18 -4.62 16.39
N TYR C 95 12.10 -3.48 15.71
CA TYR C 95 11.94 -2.19 16.35
C TYR C 95 10.52 -1.67 16.17
N CYS C 96 10.04 -0.94 17.17
CA CYS C 96 8.88 -0.06 17.01
C CYS C 96 9.38 1.37 17.03
N ALA C 97 8.74 2.23 16.24
CA ALA C 97 9.15 3.63 16.17
C ALA C 97 7.91 4.50 16.02
N ARG C 98 7.83 5.53 16.86
CA ARG C 98 6.73 6.47 16.78
C ARG C 98 7.03 7.52 15.71
N VAL C 99 5.97 7.93 14.99
CA VAL C 99 6.10 8.97 13.99
C VAL C 99 6.28 10.32 14.69
N GLY C 100 6.58 11.36 13.92
CA GLY C 100 6.78 12.68 14.48
C GLY C 100 5.48 13.41 14.68
N PRO C 101 5.58 14.57 15.33
CA PRO C 101 4.38 15.39 15.54
C PRO C 101 3.86 15.97 14.23
N TYR C 102 2.56 16.24 14.20
CA TYR C 102 1.93 16.82 13.03
C TYR C 102 2.16 18.33 13.04
N CYS C 103 2.71 18.85 11.94
CA CYS C 103 3.01 20.27 11.80
C CYS C 103 2.53 20.79 10.46
N GLY C 104 1.40 20.28 9.98
CA GLY C 104 0.82 20.76 8.74
C GLY C 104 1.23 19.96 7.54
N GLY C 105 1.27 20.62 6.37
CA GLY C 105 1.55 19.95 5.12
C GLY C 105 0.28 19.55 4.41
N ASP C 106 0.46 19.01 3.21
CA ASP C 106 -0.62 18.48 2.40
C ASP C 106 -0.67 16.97 2.42
N SER C 107 0.45 16.32 2.15
CA SER C 107 0.48 14.87 2.24
C SER C 107 0.32 14.44 3.69
N PRO C 108 -0.45 13.39 3.97
CA PRO C 108 -0.55 12.88 5.35
C PRO C 108 0.70 12.16 5.82
N GLN C 109 1.74 12.06 4.99
CA GLN C 109 3.02 11.47 5.36
C GLN C 109 4.05 12.52 5.73
N ASP C 110 3.63 13.76 5.91
CA ASP C 110 4.57 14.83 6.25
C ASP C 110 5.33 14.52 7.53
N ASN C 111 4.76 13.70 8.42
CA ASN C 111 5.36 13.42 9.72
C ASN C 111 5.55 11.93 9.96
N TYR C 112 5.56 11.11 8.92
CA TYR C 112 5.64 9.66 9.05
C TYR C 112 7.07 9.14 9.06
N TYR C 113 8.05 9.99 9.35
CA TYR C 113 9.40 9.52 9.60
C TYR C 113 9.48 8.89 10.98
N MET C 114 10.42 7.95 11.13
CA MET C 114 10.66 7.30 12.42
C MET C 114 11.33 8.31 13.35
N ASP C 115 10.55 8.85 14.28
CA ASP C 115 11.01 9.93 15.15
C ASP C 115 11.65 9.40 16.43
N VAL C 116 11.01 8.44 17.09
CA VAL C 116 11.47 7.90 18.36
C VAL C 116 11.48 6.39 18.24
N TRP C 117 12.62 5.77 18.50
CA TRP C 117 12.79 4.34 18.34
C TRP C 117 12.80 3.64 19.68
N GLY C 118 12.38 2.36 19.67
CA GLY C 118 12.56 1.49 20.81
C GLY C 118 13.89 0.76 20.75
N LYS C 119 14.36 0.32 21.93
CA LYS C 119 15.66 -0.34 21.99
C LYS C 119 15.71 -1.62 21.17
N GLY C 120 14.56 -2.18 20.83
CA GLY C 120 14.50 -3.32 19.92
C GLY C 120 14.27 -4.63 20.65
N THR C 121 13.70 -5.59 19.92
CA THR C 121 13.45 -6.92 20.43
C THR C 121 14.10 -7.91 19.47
N THR C 122 14.92 -8.81 20.02
CA THR C 122 15.61 -9.81 19.22
C THR C 122 14.73 -11.05 19.11
N VAL C 123 14.50 -11.48 17.88
CA VAL C 123 13.72 -12.68 17.60
C VAL C 123 14.61 -13.66 16.86
N THR C 124 14.70 -14.88 17.38
CA THR C 124 15.55 -15.91 16.81
C THR C 124 14.68 -17.11 16.45
N VAL C 125 14.81 -17.57 15.21
CA VAL C 125 14.03 -18.69 14.69
C VAL C 125 14.96 -19.89 14.58
N SER C 126 14.69 -20.92 15.38
CA SER C 126 15.54 -22.11 15.39
C SER C 126 14.77 -23.24 16.06
N SER C 127 14.93 -24.45 15.51
CA SER C 127 14.31 -25.64 16.06
C SER C 127 15.05 -26.19 17.28
N ALA C 128 16.13 -25.54 17.69
CA ALA C 128 16.95 -26.04 18.79
C ALA C 128 16.47 -25.49 20.12
N SER C 129 16.75 -26.24 21.18
CA SER C 129 16.46 -25.83 22.54
C SER C 129 17.77 -25.55 23.27
N THR C 130 17.67 -25.24 24.57
CA THR C 130 18.85 -24.88 25.36
C THR C 130 19.89 -25.99 25.30
N LYS C 131 21.11 -25.64 24.87
CA LYS C 131 22.20 -26.61 24.74
C LYS C 131 23.52 -25.91 24.99
N GLY C 132 24.38 -26.57 25.77
CA GLY C 132 25.68 -26.02 26.07
C GLY C 132 26.68 -26.23 24.94
N PRO C 133 27.76 -25.44 24.94
CA PRO C 133 28.71 -25.49 23.84
C PRO C 133 29.65 -26.68 23.92
N SER C 134 30.21 -27.02 22.76
CA SER C 134 31.31 -27.96 22.64
C SER C 134 32.57 -27.18 22.32
N VAL C 135 33.55 -27.23 23.21
CA VAL C 135 34.76 -26.44 23.11
C VAL C 135 35.88 -27.34 22.60
N PHE C 136 36.41 -27.02 21.42
CA PHE C 136 37.52 -27.74 20.84
C PHE C 136 38.72 -26.81 20.69
N PRO C 137 39.93 -27.31 20.89
CA PRO C 137 41.09 -26.42 20.87
C PRO C 137 41.56 -26.12 19.46
N LEU C 138 42.00 -24.87 19.26
CA LEU C 138 42.66 -24.46 18.02
C LEU C 138 44.16 -24.42 18.31
N ALA C 139 44.76 -25.60 18.30
CA ALA C 139 46.12 -25.74 18.77
C ALA C 139 47.07 -24.90 17.92
N PRO C 140 48.10 -24.29 18.51
CA PRO C 140 49.10 -23.58 17.71
C PRO C 140 50.07 -24.55 17.05
N SER C 141 50.28 -24.36 15.75
CA SER C 141 51.13 -25.24 14.96
C SER C 141 52.04 -24.39 14.10
N SER C 142 52.81 -25.06 13.24
CA SER C 142 53.65 -24.34 12.29
C SER C 142 52.82 -23.49 11.35
N LYS C 143 51.56 -23.87 11.13
CA LYS C 143 50.66 -23.12 10.26
C LYS C 143 49.97 -21.95 10.96
N SER C 144 50.23 -21.74 12.26
CA SER C 144 49.63 -20.66 13.01
C SER C 144 50.66 -19.70 13.58
N THR C 145 51.91 -19.76 13.12
CA THR C 145 52.98 -18.92 13.62
C THR C 145 53.40 -17.91 12.56
N SER C 146 53.86 -16.75 13.02
CA SER C 146 54.37 -15.69 12.14
C SER C 146 55.53 -15.03 12.87
N GLY C 147 56.75 -15.43 12.53
CA GLY C 147 57.91 -14.89 13.22
C GLY C 147 57.90 -15.33 14.67
N GLY C 148 57.98 -14.35 15.57
CA GLY C 148 57.96 -14.65 16.99
C GLY C 148 56.58 -14.82 17.59
N THR C 149 55.54 -14.50 16.83
CA THR C 149 54.16 -14.56 17.31
C THR C 149 53.50 -15.87 16.89
N ALA C 150 52.76 -16.47 17.81
CA ALA C 150 51.99 -17.68 17.55
C ALA C 150 50.54 -17.45 17.93
N ALA C 151 49.64 -18.04 17.16
CA ALA C 151 48.20 -17.86 17.35
C ALA C 151 47.58 -19.18 17.79
N LEU C 152 46.75 -19.12 18.83
CA LEU C 152 45.99 -20.26 19.31
C LEU C 152 44.61 -19.77 19.71
N GLY C 153 43.72 -20.70 20.02
CA GLY C 153 42.38 -20.31 20.40
C GLY C 153 41.52 -21.49 20.79
N CYS C 154 40.23 -21.20 20.96
CA CYS C 154 39.20 -22.20 21.23
C CYS C 154 38.06 -22.01 20.23
N LEU C 155 37.45 -23.13 19.85
CA LEU C 155 36.28 -23.13 18.96
C LEU C 155 35.06 -23.54 19.77
N VAL C 156 34.22 -22.56 20.12
CA VAL C 156 33.00 -22.80 20.88
C VAL C 156 31.89 -23.09 19.88
N LYS C 157 31.58 -24.37 19.68
CA LYS C 157 30.69 -24.81 18.62
C LYS C 157 29.38 -25.30 19.19
N ASP C 158 28.32 -25.14 18.40
CA ASP C 158 27.01 -25.73 18.66
C ASP C 158 26.48 -25.46 20.07
N TYR C 159 26.01 -24.24 20.30
CA TYR C 159 25.34 -23.90 21.55
C TYR C 159 24.12 -23.04 21.23
N PHE C 160 23.21 -22.98 22.20
CA PHE C 160 21.95 -22.29 21.99
C PHE C 160 21.18 -22.24 23.30
N PRO C 161 20.62 -21.10 23.70
CA PRO C 161 20.71 -19.78 23.07
C PRO C 161 21.95 -19.03 23.51
N GLU C 162 22.42 -18.11 22.68
CA GLU C 162 23.51 -17.25 23.07
C GLU C 162 23.06 -16.36 24.24
N PRO C 163 24.00 -15.68 24.92
CA PRO C 163 25.45 -15.53 24.70
C PRO C 163 26.33 -16.49 25.49
N VAL C 164 27.61 -16.50 25.12
CA VAL C 164 28.66 -17.11 25.92
C VAL C 164 29.71 -16.04 26.16
N THR C 165 30.38 -16.12 27.31
CA THR C 165 31.47 -15.23 27.66
C THR C 165 32.76 -16.05 27.68
N VAL C 166 33.69 -15.70 26.81
CA VAL C 166 34.98 -16.39 26.71
C VAL C 166 36.05 -15.53 27.33
N SER C 167 36.87 -16.13 28.19
CA SER C 167 38.03 -15.48 28.77
C SER C 167 39.20 -16.45 28.73
N TRP C 168 40.40 -15.92 28.93
CA TRP C 168 41.61 -16.73 28.93
C TRP C 168 42.34 -16.56 30.25
N ASN C 169 42.88 -17.66 30.77
CA ASN C 169 43.60 -17.68 32.04
C ASN C 169 42.78 -17.01 33.15
N SER C 170 41.47 -17.28 33.14
CA SER C 170 40.55 -16.73 34.13
C SER C 170 40.55 -15.20 34.12
N GLY C 171 40.74 -14.60 32.94
CA GLY C 171 40.81 -13.16 32.81
C GLY C 171 42.19 -12.57 32.92
N ALA C 172 43.20 -13.36 33.27
CA ALA C 172 44.57 -12.85 33.38
C ALA C 172 45.20 -12.55 32.03
N LEU C 173 44.55 -12.92 30.93
CA LEU C 173 45.05 -12.68 29.59
C LEU C 173 44.01 -11.89 28.81
N THR C 174 44.40 -10.73 28.32
CA THR C 174 43.48 -9.85 27.60
C THR C 174 44.10 -9.27 26.35
N SER C 175 45.36 -8.86 26.39
CA SER C 175 46.01 -8.29 25.21
C SER C 175 46.16 -9.36 24.14
N GLY C 176 45.77 -9.03 22.92
CA GLY C 176 45.86 -9.93 21.81
C GLY C 176 44.68 -10.84 21.62
N VAL C 177 43.68 -10.76 22.49
CA VAL C 177 42.51 -11.63 22.40
C VAL C 177 41.52 -11.06 21.40
N HIS C 178 41.04 -11.90 20.50
CA HIS C 178 39.97 -11.56 19.57
C HIS C 178 38.88 -12.61 19.71
N THR C 179 37.77 -12.23 20.33
CA THR C 179 36.58 -13.07 20.39
C THR C 179 35.62 -12.60 19.31
N PHE C 180 35.33 -13.48 18.35
CA PHE C 180 34.52 -13.07 17.22
C PHE C 180 33.02 -13.21 17.52
N PRO C 181 32.19 -12.42 16.85
CA PRO C 181 30.73 -12.58 17.04
C PRO C 181 30.28 -13.98 16.68
N ALA C 182 29.20 -14.40 17.32
CA ALA C 182 28.66 -15.75 17.11
C ALA C 182 27.98 -15.85 15.75
N VAL C 183 28.09 -17.03 15.16
CA VAL C 183 27.52 -17.34 13.85
C VAL C 183 26.40 -18.35 14.05
N LEU C 184 25.23 -18.07 13.49
CA LEU C 184 24.10 -19.00 13.57
C LEU C 184 24.18 -19.95 12.37
N GLN C 185 24.37 -21.23 12.66
CA GLN C 185 24.73 -22.20 11.64
C GLN C 185 23.48 -22.80 11.00
N SER C 186 23.70 -23.63 9.98
CA SER C 186 22.61 -24.31 9.29
C SER C 186 21.73 -25.08 10.28
N SER C 187 22.35 -25.66 11.31
CA SER C 187 21.62 -26.46 12.28
C SER C 187 20.81 -25.62 13.26
N GLY C 188 20.93 -24.29 13.21
CA GLY C 188 20.24 -23.46 14.19
C GLY C 188 20.96 -23.34 15.50
N LEU C 189 22.24 -23.69 15.54
CA LEU C 189 23.07 -23.59 16.72
C LEU C 189 24.16 -22.55 16.50
N TYR C 190 24.52 -21.84 17.56
CA TYR C 190 25.54 -20.82 17.46
C TYR C 190 26.93 -21.46 17.49
N SER C 191 27.91 -20.70 17.00
CA SER C 191 29.28 -21.18 16.93
C SER C 191 30.20 -19.99 16.76
N LEU C 192 31.17 -19.84 17.66
CA LEU C 192 32.15 -18.76 17.57
C LEU C 192 33.51 -19.29 17.96
N SER C 193 34.55 -18.58 17.51
CA SER C 193 35.92 -18.89 17.85
C SER C 193 36.53 -17.72 18.60
N SER C 194 37.39 -18.03 19.56
CA SER C 194 38.13 -17.03 20.31
C SER C 194 39.61 -17.34 20.16
N VAL C 195 40.36 -16.39 19.63
CA VAL C 195 41.79 -16.57 19.36
C VAL C 195 42.58 -15.56 20.18
N VAL C 196 43.87 -15.84 20.31
CA VAL C 196 44.77 -14.95 21.03
C VAL C 196 46.18 -15.16 20.49
N THR C 197 46.89 -14.06 20.31
CA THR C 197 48.28 -14.10 19.86
C THR C 197 49.20 -13.97 21.07
N VAL C 198 50.25 -14.79 21.09
CA VAL C 198 51.19 -14.81 22.20
C VAL C 198 52.59 -15.05 21.65
N PRO C 199 53.62 -14.69 22.41
CA PRO C 199 55.00 -14.94 21.96
C PRO C 199 55.28 -16.44 21.89
N SER C 200 55.75 -16.88 20.72
CA SER C 200 56.06 -18.30 20.53
C SER C 200 57.20 -18.74 21.43
N SER C 201 58.09 -17.83 21.80
CA SER C 201 59.14 -18.15 22.77
C SER C 201 58.52 -18.63 24.08
N SER C 202 57.70 -17.79 24.70
CA SER C 202 56.98 -18.15 25.92
C SER C 202 55.71 -18.91 25.54
N LEU C 203 55.92 -20.12 25.02
CA LEU C 203 54.83 -21.01 24.62
C LEU C 203 54.87 -22.36 25.33
N GLY C 204 56.06 -22.92 25.53
CA GLY C 204 56.19 -24.14 26.29
C GLY C 204 56.21 -23.97 27.79
N THR C 205 56.34 -22.73 28.27
CA THR C 205 56.38 -22.44 29.69
C THR C 205 55.06 -21.91 30.23
N GLN C 206 54.25 -21.26 29.41
CA GLN C 206 53.01 -20.66 29.85
C GLN C 206 51.84 -21.58 29.56
N THR C 207 50.86 -21.60 30.47
CA THR C 207 49.64 -22.37 30.30
C THR C 207 48.52 -21.45 29.84
N TYR C 208 47.88 -21.82 28.73
CA TYR C 208 46.78 -21.05 28.16
C TYR C 208 45.51 -21.87 28.24
N ILE C 209 44.53 -21.36 28.98
CA ILE C 209 43.23 -22.02 29.17
C ILE C 209 42.14 -21.01 28.85
N CYS C 210 41.21 -21.41 27.98
CA CYS C 210 40.05 -20.58 27.65
C CYS C 210 38.87 -20.99 28.54
N ASN C 211 38.17 -20.00 29.08
CA ASN C 211 37.05 -20.21 29.98
C ASN C 211 35.77 -19.69 29.33
N VAL C 212 34.86 -20.59 28.99
CA VAL C 212 33.61 -20.25 28.33
C VAL C 212 32.47 -20.49 29.31
N ASN C 213 31.62 -19.47 29.49
CA ASN C 213 30.43 -19.58 30.31
C ASN C 213 29.20 -19.55 29.40
N HIS C 214 28.18 -20.34 29.77
CA HIS C 214 26.91 -20.38 29.04
C HIS C 214 25.80 -20.53 30.08
N LYS C 215 25.46 -19.41 30.72
CA LYS C 215 24.45 -19.44 31.76
C LYS C 215 23.07 -19.85 31.24
N PRO C 216 22.71 -19.65 29.98
CA PRO C 216 21.46 -20.24 29.47
C PRO C 216 21.33 -21.73 29.77
N SER C 217 22.38 -22.51 29.52
CA SER C 217 22.39 -23.94 29.83
C SER C 217 23.04 -24.24 31.17
N ASN C 218 23.42 -23.21 31.94
CA ASN C 218 24.05 -23.40 33.24
C ASN C 218 25.31 -24.24 33.12
N THR C 219 26.27 -23.70 32.38
CA THR C 219 27.46 -24.45 31.99
C THR C 219 28.68 -23.56 32.02
N LYS C 220 29.77 -24.08 32.57
CA LYS C 220 31.08 -23.49 32.40
C LYS C 220 32.02 -24.58 31.90
N VAL C 221 32.98 -24.20 31.06
CA VAL C 221 33.94 -25.14 30.50
C VAL C 221 35.31 -24.47 30.48
N ASP C 222 36.33 -25.23 30.87
CA ASP C 222 37.71 -24.77 30.82
C ASP C 222 38.50 -25.74 29.96
N LYS C 223 39.04 -25.24 28.85
CA LYS C 223 39.81 -26.03 27.91
C LYS C 223 41.23 -25.53 27.88
N LYS C 224 42.18 -26.43 28.11
CA LYS C 224 43.60 -26.12 28.00
C LYS C 224 44.00 -26.27 26.53
N VAL C 225 44.43 -25.18 25.92
CA VAL C 225 44.92 -25.21 24.55
C VAL C 225 46.40 -25.52 24.60
N GLU C 226 46.79 -26.65 24.00
CA GLU C 226 48.14 -27.16 24.11
C GLU C 226 48.71 -27.41 22.72
N PRO C 227 49.96 -27.04 22.48
CA PRO C 227 50.54 -27.26 21.14
C PRO C 227 50.67 -28.74 20.83
N LYS C 228 50.28 -29.10 19.60
CA LYS C 228 50.32 -30.49 19.17
C LYS C 228 51.31 -30.66 18.02
N GLU D 1 10.88 -1.37 -8.74
CA GLU D 1 10.85 -1.11 -7.28
C GLU D 1 11.63 0.17 -6.97
N ILE D 2 11.35 0.77 -5.81
CA ILE D 2 12.13 1.92 -5.35
C ILE D 2 13.42 1.42 -4.72
N VAL D 3 14.52 2.11 -5.00
CA VAL D 3 15.83 1.73 -4.51
C VAL D 3 16.56 3.00 -4.10
N LEU D 4 16.99 3.06 -2.84
CA LEU D 4 17.83 4.15 -2.35
C LEU D 4 19.25 3.62 -2.26
N THR D 5 20.08 4.00 -3.23
CA THR D 5 21.45 3.52 -3.32
C THR D 5 22.37 4.52 -2.64
N GLN D 6 22.88 4.17 -1.47
CA GLN D 6 23.82 5.02 -0.76
C GLN D 6 25.24 4.75 -1.23
N SER D 7 26.03 5.82 -1.34
CA SER D 7 27.42 5.70 -1.71
C SER D 7 28.21 6.68 -0.86
N PRO D 8 29.43 6.31 -0.44
CA PRO D 8 30.07 5.02 -0.69
C PRO D 8 29.59 3.95 0.28
N GLY D 9 29.98 2.70 0.06
CA GLY D 9 29.64 1.66 1.01
C GLY D 9 30.23 1.94 2.39
N THR D 10 31.52 2.20 2.45
CA THR D 10 32.19 2.57 3.69
C THR D 10 32.97 3.86 3.43
N LEU D 11 32.84 4.82 4.35
CA LEU D 11 33.56 6.08 4.27
C LEU D 11 34.63 6.10 5.35
N SER D 12 35.89 6.14 4.93
CA SER D 12 37.04 6.09 5.83
C SER D 12 37.58 7.51 6.01
N LEU D 13 37.45 8.03 7.23
CA LEU D 13 37.88 9.40 7.53
C LEU D 13 38.46 9.45 8.94
N SER D 14 39.11 10.56 9.25
CA SER D 14 39.70 10.80 10.55
C SER D 14 38.90 11.85 11.31
N PRO D 15 38.89 11.80 12.65
CA PRO D 15 38.14 12.81 13.40
C PRO D 15 38.59 14.21 13.03
N GLY D 16 37.63 15.12 12.95
CA GLY D 16 37.91 16.50 12.58
C GLY D 16 37.93 16.77 11.09
N GLU D 17 37.30 15.93 10.29
CA GLU D 17 37.24 16.10 8.84
C GLU D 17 35.79 16.19 8.38
N ARG D 18 35.61 16.57 7.12
CA ARG D 18 34.30 16.76 6.53
C ARG D 18 33.85 15.45 5.88
N ALA D 19 32.78 14.87 6.40
CA ALA D 19 32.22 13.63 5.88
C ALA D 19 30.98 13.93 5.04
N THR D 20 30.91 13.33 3.85
CA THR D 20 29.82 13.54 2.91
C THR D 20 29.26 12.20 2.51
N LEU D 21 27.98 11.98 2.81
CA LEU D 21 27.28 10.74 2.48
C LEU D 21 26.18 11.04 1.49
N SER D 22 26.08 10.19 0.47
CA SER D 22 25.16 10.40 -0.63
C SER D 22 24.05 9.34 -0.61
N CYS D 23 22.86 9.74 -1.06
CA CYS D 23 21.72 8.84 -1.18
C CYS D 23 21.04 9.14 -2.50
N ARG D 24 20.84 8.11 -3.32
CA ARG D 24 20.29 8.26 -4.66
C ARG D 24 19.07 7.35 -4.79
N ALA D 25 17.92 7.94 -5.08
CA ALA D 25 16.66 7.22 -5.22
C ALA D 25 16.38 6.92 -6.68
N SER D 26 15.81 5.74 -6.93
CA SER D 26 15.44 5.34 -8.27
C SER D 26 14.19 6.05 -8.79
N GLN D 27 13.43 6.69 -7.91
CA GLN D 27 12.25 7.46 -8.29
C GLN D 27 12.24 8.75 -7.49
N SER D 28 11.78 9.82 -8.13
CA SER D 28 11.71 11.12 -7.47
C SER D 28 10.94 11.01 -6.16
N VAL D 29 11.45 11.69 -5.13
CA VAL D 29 10.82 11.74 -3.82
C VAL D 29 10.10 13.08 -3.70
N SER D 30 8.79 13.04 -3.48
CA SER D 30 8.01 14.27 -3.44
C SER D 30 8.19 14.98 -2.11
N SER D 31 8.15 16.32 -2.17
CA SER D 31 8.16 17.19 -0.99
C SER D 31 9.39 16.98 -0.11
N SER D 32 10.42 16.32 -0.63
CA SER D 32 11.66 16.07 0.12
C SER D 32 11.38 15.32 1.41
N TYR D 33 10.64 14.22 1.30
CA TYR D 33 10.37 13.34 2.44
C TYR D 33 11.50 12.32 2.56
N LEU D 34 12.68 12.84 2.86
CA LEU D 34 13.90 12.04 2.98
C LEU D 34 14.46 12.22 4.38
N ALA D 35 14.69 11.10 5.06
CA ALA D 35 15.19 11.10 6.43
C ALA D 35 16.54 10.41 6.51
N TRP D 36 17.37 10.86 7.45
CA TRP D 36 18.66 10.25 7.74
C TRP D 36 18.65 9.69 9.15
N TYR D 37 19.24 8.52 9.33
CA TYR D 37 19.30 7.85 10.62
C TYR D 37 20.72 7.44 10.94
N GLN D 38 21.08 7.52 12.22
CA GLN D 38 22.35 7.03 12.74
C GLN D 38 22.12 5.79 13.58
N GLN D 39 22.97 4.78 13.40
CA GLN D 39 22.92 3.55 14.18
C GLN D 39 24.33 3.21 14.62
N LYS D 40 24.59 3.36 15.92
CA LYS D 40 25.87 2.98 16.47
C LYS D 40 25.97 1.46 16.57
N PRO D 41 27.19 0.91 16.59
CA PRO D 41 27.33 -0.55 16.71
C PRO D 41 26.57 -1.12 17.91
N GLY D 42 25.59 -1.98 17.64
CA GLY D 42 24.85 -2.64 18.69
C GLY D 42 23.76 -1.82 19.33
N GLN D 43 23.39 -0.69 18.75
CA GLN D 43 22.35 0.18 19.31
C GLN D 43 21.23 0.38 18.31
N ALA D 44 20.11 0.91 18.80
CA ALA D 44 18.99 1.20 17.94
C ALA D 44 19.29 2.45 17.10
N PRO D 45 18.60 2.61 15.97
CA PRO D 45 18.81 3.82 15.16
C PRO D 45 18.30 5.07 15.87
N ARG D 46 18.78 6.20 15.39
CA ARG D 46 18.39 7.50 15.92
C ARG D 46 18.15 8.45 14.76
N LEU D 47 17.11 9.27 14.86
CA LEU D 47 16.78 10.20 13.79
C LEU D 47 17.77 11.35 13.76
N LEU D 48 18.35 11.59 12.59
CA LEU D 48 19.24 12.73 12.37
C LEU D 48 18.51 13.88 11.69
N ILE D 49 18.15 13.67 10.43
CA ILE D 49 17.52 14.69 9.59
C ILE D 49 16.15 14.18 9.17
N TYR D 50 15.18 15.10 9.11
CA TYR D 50 13.86 14.82 8.56
C TYR D 50 13.48 15.94 7.60
N GLY D 51 12.79 15.58 6.54
CA GLY D 51 12.53 16.57 5.49
C GLY D 51 13.72 16.89 4.63
N ALA D 52 14.82 16.14 4.76
CA ALA D 52 16.02 16.23 3.94
C ALA D 52 16.93 17.38 4.38
N SER D 53 16.55 18.22 5.33
CA SER D 53 17.40 19.35 5.69
C SER D 53 17.07 19.95 7.05
N SER D 54 16.27 19.26 7.87
CA SER D 54 15.88 19.74 9.18
C SER D 54 16.43 18.82 10.25
N ARG D 55 17.30 19.35 11.12
CA ARG D 55 17.82 18.58 12.23
C ARG D 55 16.72 18.26 13.23
N ALA D 56 16.74 17.04 13.77
CA ALA D 56 15.80 16.66 14.80
C ALA D 56 16.22 17.28 16.14
N THR D 57 15.37 17.11 17.15
CA THR D 57 15.64 17.67 18.47
C THR D 57 16.77 16.89 19.12
N GLY D 58 17.89 17.54 19.35
CA GLY D 58 19.03 16.95 20.02
C GLY D 58 20.25 16.75 19.14
N ILE D 59 20.13 16.93 17.84
CA ILE D 59 21.24 16.69 16.93
C ILE D 59 22.13 17.93 16.91
N PRO D 60 23.46 17.79 16.99
CA PRO D 60 24.33 18.96 16.89
C PRO D 60 24.22 19.62 15.52
N ASP D 61 24.79 20.83 15.43
CA ASP D 61 24.72 21.64 14.22
C ASP D 61 25.71 21.20 13.15
N ARG D 62 26.62 20.28 13.47
CA ARG D 62 27.56 19.82 12.44
C ARG D 62 26.87 18.91 11.42
N PHE D 63 25.72 18.34 11.76
CA PHE D 63 24.95 17.53 10.83
C PHE D 63 24.06 18.43 9.98
N SER D 64 24.10 18.22 8.66
CA SER D 64 23.29 19.00 7.75
C SER D 64 22.84 18.10 6.60
N GLY D 65 21.64 18.38 6.10
CA GLY D 65 21.10 17.65 4.97
C GLY D 65 20.72 18.61 3.85
N SER D 66 20.79 18.11 2.63
CA SER D 66 20.46 18.90 1.45
C SER D 66 20.09 17.96 0.32
N GLY D 67 19.52 18.53 -0.73
CA GLY D 67 19.11 17.78 -1.89
C GLY D 67 17.60 17.77 -2.03
N SER D 68 17.16 17.13 -3.12
CA SER D 68 15.75 17.02 -3.45
C SER D 68 15.63 16.19 -4.72
N GLY D 69 14.46 15.57 -4.90
CA GLY D 69 14.15 14.86 -6.12
C GLY D 69 14.76 13.47 -6.17
N THR D 70 16.01 13.39 -6.62
CA THR D 70 16.70 12.12 -6.78
C THR D 70 17.94 12.00 -5.91
N ASP D 71 18.71 13.07 -5.75
CA ASP D 71 19.98 13.03 -5.04
C ASP D 71 19.88 13.80 -3.73
N PHE D 72 20.37 13.19 -2.65
CA PHE D 72 20.40 13.82 -1.34
C PHE D 72 21.78 13.63 -0.73
N THR D 73 22.09 14.47 0.26
CA THR D 73 23.43 14.51 0.83
C THR D 73 23.36 14.81 2.32
N LEU D 74 23.98 13.94 3.11
CA LEU D 74 24.21 14.20 4.53
C LEU D 74 25.66 14.67 4.67
N THR D 75 25.87 15.70 5.47
CA THR D 75 27.17 16.30 5.65
C THR D 75 27.45 16.51 7.14
N ILE D 76 28.66 16.17 7.55
CA ILE D 76 29.13 16.37 8.91
C ILE D 76 30.40 17.21 8.81
N SER D 77 30.32 18.45 9.29
CA SER D 77 31.42 19.40 9.12
C SER D 77 32.71 18.91 9.78
N ARG D 78 32.75 18.87 11.11
CA ARG D 78 33.92 18.39 11.85
C ARG D 78 33.55 17.10 12.59
N LEU D 79 34.10 15.99 12.13
CA LEU D 79 33.77 14.69 12.71
C LEU D 79 34.24 14.60 14.15
N GLU D 80 33.33 14.25 15.04
CA GLU D 80 33.65 13.91 16.41
C GLU D 80 33.83 12.40 16.53
N PRO D 81 34.52 11.93 17.58
CA PRO D 81 34.74 10.48 17.71
C PRO D 81 33.45 9.67 17.76
N GLU D 82 32.39 10.22 18.34
CA GLU D 82 31.15 9.46 18.46
C GLU D 82 30.42 9.31 17.13
N ASP D 83 30.75 10.14 16.14
CA ASP D 83 30.01 10.13 14.88
C ASP D 83 30.38 8.97 13.97
N PHE D 84 31.33 8.12 14.35
CA PHE D 84 31.72 6.99 13.52
C PHE D 84 30.75 5.85 13.75
N ALA D 85 29.78 5.72 12.87
CA ALA D 85 28.76 4.69 12.97
C ALA D 85 28.25 4.39 11.56
N VAL D 86 27.08 3.76 11.48
CA VAL D 86 26.40 3.53 10.21
C VAL D 86 25.33 4.60 10.04
N TYR D 87 25.07 4.97 8.79
CA TYR D 87 24.10 5.99 8.46
C TYR D 87 23.18 5.48 7.36
N TYR D 88 21.86 5.55 7.61
CA TYR D 88 20.85 5.09 6.67
C TYR D 88 20.02 6.27 6.20
N CYS D 89 19.71 6.31 4.91
CA CYS D 89 18.71 7.23 4.38
C CYS D 89 17.41 6.48 4.14
N GLN D 90 16.30 7.18 4.32
CA GLN D 90 14.98 6.60 4.14
C GLN D 90 14.07 7.60 3.45
N GLN D 91 13.26 7.09 2.53
CA GLN D 91 12.21 7.87 1.88
C GLN D 91 10.87 7.48 2.49
N TYR D 92 10.12 8.48 2.97
CA TYR D 92 8.79 8.25 3.52
C TYR D 92 7.70 8.99 2.74
N GLY D 93 7.98 9.31 1.46
CA GLY D 93 6.97 9.93 0.64
C GLY D 93 5.99 8.94 0.04
N SER D 94 6.40 7.68 -0.09
CA SER D 94 5.52 6.62 -0.53
C SER D 94 5.38 5.59 0.59
N SER D 95 4.38 4.73 0.42
CA SER D 95 4.04 3.77 1.46
C SER D 95 4.87 2.50 1.34
N SER D 96 6.10 2.62 0.86
CA SER D 96 7.10 1.57 0.97
C SER D 96 8.15 1.85 2.02
N TYR D 97 8.39 3.13 2.33
CA TYR D 97 9.28 3.52 3.42
C TYR D 97 10.64 2.84 3.28
N THR D 98 11.20 2.92 2.07
CA THR D 98 12.42 2.18 1.76
C THR D 98 13.63 2.84 2.42
N PHE D 99 14.55 2.01 2.89
CA PHE D 99 15.83 2.45 3.44
C PHE D 99 16.94 2.22 2.42
N GLY D 100 18.05 2.94 2.61
CA GLY D 100 19.26 2.61 1.89
C GLY D 100 19.99 1.45 2.53
N GLN D 101 20.90 0.84 1.76
CA GLN D 101 21.67 -0.27 2.31
C GLN D 101 22.55 0.17 3.48
N GLY D 102 22.86 1.45 3.58
CA GLY D 102 23.64 1.98 4.68
C GLY D 102 25.05 2.33 4.23
N THR D 103 25.64 3.31 4.91
CA THR D 103 27.03 3.69 4.71
C THR D 103 27.75 3.62 6.06
N LYS D 104 28.85 2.89 6.10
CA LYS D 104 29.63 2.75 7.32
C LYS D 104 30.71 3.82 7.35
N LEU D 105 30.85 4.48 8.50
CA LEU D 105 31.85 5.52 8.71
C LEU D 105 32.87 4.97 9.71
N GLU D 106 34.08 4.69 9.21
CA GLU D 106 35.15 4.10 10.00
C GLU D 106 36.31 5.08 10.10
N ILE D 107 37.34 4.69 10.87
CA ILE D 107 38.55 5.48 11.05
C ILE D 107 39.52 5.16 9.92
N LYS D 108 40.17 6.19 9.42
CA LYS D 108 41.15 6.04 8.34
C LYS D 108 42.51 5.68 8.94
N ARG D 109 43.20 4.74 8.29
CA ARG D 109 44.53 4.35 8.69
C ARG D 109 45.25 3.78 7.47
N THR D 110 46.53 3.48 7.65
CA THR D 110 47.34 2.91 6.58
C THR D 110 46.98 1.45 6.35
N VAL D 111 47.22 0.99 5.12
CA VAL D 111 46.92 -0.40 4.78
C VAL D 111 47.74 -1.32 5.66
N ALA D 112 47.10 -2.38 6.13
CA ALA D 112 47.75 -3.42 6.95
C ALA D 112 47.37 -4.77 6.37
N ALA D 113 48.35 -5.48 5.82
CA ALA D 113 48.08 -6.79 5.27
C ALA D 113 47.65 -7.74 6.39
N PRO D 114 46.88 -8.78 6.09
CA PRO D 114 46.49 -9.72 7.14
C PRO D 114 47.56 -10.77 7.40
N SER D 115 47.68 -11.16 8.66
CA SER D 115 48.52 -12.29 9.04
C SER D 115 47.61 -13.51 9.12
N VAL D 116 47.75 -14.40 8.16
CA VAL D 116 46.86 -15.55 8.01
C VAL D 116 47.33 -16.70 8.89
N PHE D 117 46.37 -17.39 9.50
CA PHE D 117 46.64 -18.58 10.27
C PHE D 117 45.54 -19.59 10.01
N ILE D 118 45.91 -20.84 9.78
CA ILE D 118 44.96 -21.93 9.57
C ILE D 118 45.08 -22.90 10.73
N PHE D 119 43.94 -23.40 11.20
CA PHE D 119 43.88 -24.34 12.31
C PHE D 119 43.21 -25.62 11.84
N PRO D 120 43.91 -26.76 11.78
CA PRO D 120 43.25 -28.00 11.39
C PRO D 120 42.28 -28.45 12.47
N PRO D 121 41.27 -29.26 12.11
CA PRO D 121 40.31 -29.72 13.12
C PRO D 121 41.00 -30.51 14.22
N SER D 122 40.45 -30.41 15.41
CA SER D 122 40.90 -31.24 16.52
C SER D 122 40.27 -32.62 16.41
N ASP D 123 41.09 -33.66 16.65
CA ASP D 123 40.55 -35.02 16.68
C ASP D 123 39.42 -35.15 17.69
N GLU D 124 39.28 -34.19 18.60
CA GLU D 124 38.27 -34.29 19.64
C GLU D 124 36.86 -34.15 19.09
N GLN D 125 36.69 -33.44 17.97
CA GLN D 125 35.38 -33.27 17.38
C GLN D 125 35.05 -34.33 16.32
N LEU D 126 36.00 -35.20 15.98
CA LEU D 126 35.73 -36.20 14.95
C LEU D 126 34.63 -37.15 15.37
N LYS D 127 34.46 -37.39 16.68
CA LYS D 127 33.44 -38.33 17.11
C LYS D 127 32.04 -37.79 16.89
N SER D 128 31.88 -36.48 16.75
CA SER D 128 30.64 -35.94 16.21
C SER D 128 30.63 -36.23 14.71
N GLY D 129 29.71 -35.62 13.98
CA GLY D 129 29.65 -35.86 12.55
C GLY D 129 30.53 -34.97 11.73
N THR D 130 31.05 -33.89 12.30
CA THR D 130 31.60 -32.79 11.53
C THR D 130 33.06 -32.56 11.88
N ALA D 131 33.74 -31.85 10.97
CA ALA D 131 35.10 -31.39 11.15
C ALA D 131 35.17 -29.93 10.73
N SER D 132 35.51 -29.05 11.65
CA SER D 132 35.51 -27.62 11.41
C SER D 132 36.93 -27.11 11.29
N VAL D 133 37.28 -26.63 10.10
CA VAL D 133 38.57 -25.99 9.83
C VAL D 133 38.40 -24.50 10.04
N VAL D 134 39.37 -23.87 10.72
CA VAL D 134 39.29 -22.46 11.08
C VAL D 134 40.46 -21.73 10.44
N CYS D 135 40.17 -20.59 9.82
CA CYS D 135 41.19 -19.73 9.21
C CYS D 135 41.04 -18.33 9.77
N LEU D 136 42.16 -17.74 10.18
CA LEU D 136 42.17 -16.47 10.93
C LEU D 136 42.92 -15.41 10.14
N LEU D 137 42.23 -14.32 9.82
CA LEU D 137 42.84 -13.12 9.27
C LEU D 137 42.92 -12.11 10.41
N ASN D 138 44.14 -11.78 10.83
CA ASN D 138 44.37 -11.05 12.06
C ASN D 138 44.89 -9.66 11.77
N ASN D 139 44.31 -8.66 12.44
CA ASN D 139 44.76 -7.28 12.39
C ASN D 139 45.09 -6.81 10.98
N PHE D 140 44.05 -6.51 10.20
CA PHE D 140 44.23 -6.02 8.84
C PHE D 140 43.32 -4.81 8.61
N TYR D 141 43.70 -3.99 7.63
CA TYR D 141 42.93 -2.85 7.19
C TYR D 141 43.23 -2.66 5.72
N PRO D 142 42.21 -2.38 4.87
CA PRO D 142 40.78 -2.22 5.16
C PRO D 142 40.05 -3.53 5.40
N ARG D 143 38.74 -3.47 5.65
CA ARG D 143 37.98 -4.67 5.98
C ARG D 143 37.71 -5.54 4.75
N GLU D 144 37.72 -4.96 3.56
CA GLU D 144 37.42 -5.73 2.36
C GLU D 144 38.46 -6.83 2.19
N ALA D 145 38.00 -8.08 2.21
CA ALA D 145 38.88 -9.23 2.02
C ALA D 145 38.05 -10.40 1.51
N LYS D 146 38.66 -11.21 0.64
CA LYS D 146 38.02 -12.38 0.05
C LYS D 146 38.76 -13.62 0.52
N VAL D 147 38.01 -14.56 1.09
CA VAL D 147 38.58 -15.80 1.63
C VAL D 147 37.97 -16.97 0.87
N GLN D 148 38.83 -17.82 0.33
CA GLN D 148 38.39 -18.98 -0.44
C GLN D 148 38.96 -20.25 0.19
N TRP D 149 38.15 -21.30 0.23
CA TRP D 149 38.56 -22.59 0.75
C TRP D 149 38.78 -23.56 -0.40
N LYS D 150 39.88 -24.32 -0.32
CA LYS D 150 40.26 -25.26 -1.36
C LYS D 150 40.59 -26.60 -0.73
N VAL D 151 39.81 -27.62 -1.06
CA VAL D 151 40.08 -29.00 -0.67
C VAL D 151 40.49 -29.74 -1.93
N ASP D 152 41.74 -30.18 -1.98
CA ASP D 152 42.29 -30.78 -3.20
C ASP D 152 42.20 -29.81 -4.37
N ASN D 153 42.53 -28.54 -4.10
CA ASN D 153 42.48 -27.47 -5.08
C ASN D 153 41.09 -27.28 -5.68
N ALA D 154 40.06 -27.82 -5.02
CA ALA D 154 38.68 -27.64 -5.45
C ALA D 154 38.01 -26.61 -4.54
N LEU D 155 37.56 -25.51 -5.11
CA LEU D 155 36.97 -24.43 -4.32
C LEU D 155 35.66 -24.88 -3.72
N GLN D 156 35.53 -24.76 -2.40
CA GLN D 156 34.30 -25.08 -1.72
C GLN D 156 33.31 -23.93 -1.82
N SER D 157 32.04 -24.26 -1.62
CA SER D 157 30.98 -23.26 -1.75
C SER D 157 29.82 -23.67 -0.86
N GLY D 158 29.21 -22.67 -0.22
CA GLY D 158 28.04 -22.90 0.61
C GLY D 158 28.29 -23.87 1.75
N ASN D 159 29.41 -23.67 2.44
CA ASN D 159 29.71 -24.53 3.59
C ASN D 159 30.77 -23.93 4.50
N SER D 160 30.95 -22.61 4.50
CA SER D 160 32.00 -21.98 5.30
C SER D 160 31.53 -20.56 5.65
N GLN D 161 31.01 -20.40 6.85
CA GLN D 161 30.64 -19.08 7.35
C GLN D 161 31.87 -18.32 7.84
N GLU D 162 31.69 -17.02 8.06
CA GLU D 162 32.76 -16.17 8.58
C GLU D 162 32.18 -15.17 9.57
N SER D 163 33.04 -14.35 10.15
CA SER D 163 32.65 -13.37 11.15
C SER D 163 33.79 -12.36 11.26
N VAL D 164 33.43 -11.10 11.54
CA VAL D 164 34.38 -10.01 11.60
C VAL D 164 34.21 -9.27 12.93
N THR D 165 35.32 -8.86 13.52
CA THR D 165 35.29 -8.06 14.74
C THR D 165 35.12 -6.59 14.40
N GLU D 166 34.60 -5.84 15.38
CA GLU D 166 34.51 -4.39 15.21
C GLU D 166 35.91 -3.80 15.07
N GLN D 167 35.98 -2.68 14.36
CA GLN D 167 37.24 -1.98 14.19
C GLN D 167 37.92 -1.78 15.53
N ASP D 168 39.16 -2.25 15.64
CA ASP D 168 39.86 -2.23 16.91
C ASP D 168 39.91 -0.82 17.50
N SER D 169 39.57 -0.73 18.79
CA SER D 169 39.53 0.55 19.48
C SER D 169 40.90 1.14 19.76
N LYS D 170 41.98 0.50 19.29
CA LYS D 170 43.32 1.01 19.52
C LYS D 170 44.08 1.16 18.20
N ASP D 171 44.29 0.06 17.48
CA ASP D 171 45.00 0.10 16.22
C ASP D 171 44.09 0.24 15.01
N SER D 172 42.76 0.29 15.22
CA SER D 172 41.81 0.57 14.15
C SER D 172 41.87 -0.46 13.02
N THR D 173 42.24 -1.70 13.35
CA THR D 173 42.28 -2.78 12.37
C THR D 173 41.12 -3.74 12.61
N TYR D 174 40.95 -4.65 11.66
CA TYR D 174 39.90 -5.65 11.71
C TYR D 174 40.50 -7.05 11.82
N SER D 175 39.66 -8.01 12.18
CA SER D 175 40.05 -9.41 12.25
C SER D 175 38.87 -10.27 11.84
N LEU D 176 39.13 -11.28 11.02
CA LEU D 176 38.11 -12.14 10.46
C LEU D 176 38.36 -13.59 10.83
N SER D 177 37.27 -14.36 10.96
CA SER D 177 37.34 -15.77 11.34
C SER D 177 36.44 -16.57 10.42
N SER D 178 37.03 -17.25 9.44
CA SER D 178 36.29 -18.10 8.52
C SER D 178 36.39 -19.55 8.98
N THR D 179 35.26 -20.26 8.97
CA THR D 179 35.16 -21.61 9.50
C THR D 179 34.54 -22.53 8.45
N LEU D 180 35.37 -23.38 7.85
CA LEU D 180 34.88 -24.41 6.94
C LEU D 180 34.41 -25.62 7.74
N THR D 181 33.19 -26.06 7.49
CA THR D 181 32.59 -27.17 8.21
C THR D 181 32.28 -28.31 7.24
N LEU D 182 33.02 -29.40 7.38
CA LEU D 182 32.81 -30.62 6.61
C LEU D 182 32.25 -31.70 7.52
N SER D 183 31.96 -32.85 6.93
CA SER D 183 31.55 -34.01 7.69
C SER D 183 32.76 -34.90 7.97
N LYS D 184 32.62 -35.78 8.96
CA LYS D 184 33.68 -36.72 9.26
C LYS D 184 34.13 -37.43 8.00
N ALA D 185 33.20 -38.06 7.29
CA ALA D 185 33.54 -38.78 6.07
C ALA D 185 34.16 -37.85 5.03
N ASP D 186 33.50 -36.71 4.77
CA ASP D 186 34.03 -35.76 3.79
C ASP D 186 35.44 -35.31 4.14
N TYR D 187 35.75 -35.21 5.44
CA TYR D 187 37.06 -34.72 5.85
C TYR D 187 38.13 -35.81 5.75
N GLU D 188 37.78 -37.05 6.11
CA GLU D 188 38.75 -38.15 6.07
C GLU D 188 39.00 -38.64 4.66
N LYS D 189 38.14 -38.29 3.70
CA LYS D 189 38.27 -38.78 2.33
C LYS D 189 39.23 -37.95 1.50
N HIS D 190 39.48 -36.70 1.88
CA HIS D 190 40.38 -35.80 1.16
C HIS D 190 41.67 -35.59 1.94
N LYS D 191 42.62 -34.88 1.32
CA LYS D 191 43.96 -34.75 1.85
C LYS D 191 44.30 -33.30 2.18
N VAL D 192 44.45 -32.43 1.17
CA VAL D 192 44.95 -31.07 1.40
C VAL D 192 43.78 -30.12 1.65
N TYR D 193 43.98 -29.18 2.56
CA TYR D 193 42.97 -28.17 2.91
C TYR D 193 43.68 -26.82 2.96
N ALA D 194 43.33 -25.93 2.03
CA ALA D 194 43.99 -24.65 1.90
C ALA D 194 43.01 -23.50 2.13
N CYS D 195 43.54 -22.40 2.62
CA CYS D 195 42.79 -21.18 2.91
C CYS D 195 43.45 -20.03 2.16
N GLU D 196 42.87 -19.65 1.01
CA GLU D 196 43.42 -18.60 0.17
C GLU D 196 42.77 -17.26 0.50
N VAL D 197 43.60 -16.23 0.66
CA VAL D 197 43.14 -14.91 1.09
C VAL D 197 43.51 -13.88 0.03
N THR D 198 42.65 -12.90 -0.14
CA THR D 198 42.89 -11.78 -1.05
C THR D 198 42.62 -10.47 -0.30
N HIS D 199 43.61 -9.59 -0.29
CA HIS D 199 43.49 -8.33 0.44
C HIS D 199 44.29 -7.25 -0.27
N GLN D 200 43.87 -6.00 -0.07
CA GLN D 200 44.54 -4.88 -0.72
C GLN D 200 46.00 -4.78 -0.31
N GLY D 201 46.33 -5.21 0.91
CA GLY D 201 47.68 -5.12 1.43
C GLY D 201 48.63 -6.20 0.95
N LEU D 202 48.18 -7.09 0.06
CA LEU D 202 48.99 -8.17 -0.47
C LEU D 202 49.12 -8.02 -1.97
N SER D 203 50.35 -8.12 -2.49
CA SER D 203 50.56 -8.06 -3.93
C SER D 203 50.03 -9.32 -4.61
N SER D 204 50.05 -10.45 -3.92
CA SER D 204 49.53 -11.71 -4.42
C SER D 204 48.67 -12.37 -3.36
N PRO D 205 47.66 -13.13 -3.76
CA PRO D 205 46.82 -13.82 -2.75
C PRO D 205 47.61 -14.85 -1.97
N VAL D 206 47.77 -14.61 -0.66
CA VAL D 206 48.41 -15.57 0.22
C VAL D 206 47.54 -16.81 0.36
N THR D 207 48.17 -17.92 0.68
CA THR D 207 47.47 -19.20 0.83
C THR D 207 48.13 -20.00 1.93
N LYS D 208 47.35 -20.33 2.96
CA LYS D 208 47.77 -21.23 4.03
C LYS D 208 47.13 -22.59 3.81
N SER D 209 47.87 -23.65 4.08
CA SER D 209 47.39 -25.00 3.80
C SER D 209 47.99 -25.99 4.78
N PHE D 210 47.30 -27.12 4.91
CA PHE D 210 47.80 -28.27 5.65
C PHE D 210 47.24 -29.52 4.99
N ASN D 211 47.73 -30.68 5.44
CA ASN D 211 47.26 -31.95 4.95
C ASN D 211 47.28 -32.97 6.08
N ARG D 212 46.19 -33.73 6.21
CA ARG D 212 46.08 -34.77 7.23
C ARG D 212 47.36 -35.60 7.33
#